data_4PZ6
#
_entry.id   4PZ6
#
_cell.length_a   56.406
_cell.length_b   78.614
_cell.length_c   115.716
_cell.angle_alpha   90.00
_cell.angle_beta   91.42
_cell.angle_gamma   90.00
#
_symmetry.space_group_name_H-M   'P 1 21 1'
#
loop_
_entity.id
_entity.type
_entity.pdbx_description
1 polymer 'mRNA-capping enzyme subunit alpha'
2 polymer 'DNA-directed RNA polymerase II subunit rpb1'
3 non-polymer GUANOSINE
4 water water
#
loop_
_entity_poly.entity_id
_entity_poly.type
_entity_poly.pdbx_seq_one_letter_code
_entity_poly.pdbx_strand_id
1 'polypeptide(L)'
;SMAPSEKDIEEVSVPGVLAPRDDVRVLKTRIAKLLGTSPDTFPGSQPVSFSKKHLQALKEKNYFVCEKSDGIRCLLYMTE
HPRYENRPSVYLFDRKMNFYHVEKIFYPVENDKSGKKYHVDTLLDGELVLDIYPGGKKQLRYLVFDCLACDGIVYMSRLL
DKRLGIFAKSIQKPLDEYTKTHMRETAIFPFLTSLKKMELGHGILKLFNEVIPRLRHGNDGLIFTCTETPYVSGTDQSLL
KWKPKEMNTIDFMLKLEFAQPEEGDIDYSAMPEFQLGVWEGRNMYSFFAFMYVDEKEWEKLKSFNVPLSERIVECYLDDE
NRWRFLRFRDDKRDANHISTVKSVLQSIEDGVSKEDLLKEMPIIREAYYNRKKPSVTKRKLDETSNDDAPAIKKVAKESE
KEI
;
A,B
2 'polypeptide(L)' Y(SEP)PT(SEP)PSY(SEP)PT(SEP)PSY(SEP)PT(SEP)PS P,Q
#
# COMPACT_ATOMS: atom_id res chain seq x y z
N SER A 1 -28.36 11.03 -1.41
CA SER A 1 -28.84 9.90 -0.62
C SER A 1 -28.13 9.82 0.72
N MET A 2 -28.56 8.90 1.57
CA MET A 2 -27.88 8.65 2.83
C MET A 2 -26.49 8.06 2.57
N ALA A 3 -25.56 8.30 3.48
CA ALA A 3 -24.23 7.73 3.37
C ALA A 3 -24.33 6.21 3.50
N PRO A 4 -23.55 5.49 2.68
CA PRO A 4 -23.50 4.02 2.80
C PRO A 4 -23.06 3.64 4.20
N SER A 5 -23.74 2.69 4.81
CA SER A 5 -23.44 2.28 6.18
C SER A 5 -23.74 0.81 6.39
N GLU A 6 -23.58 0.36 7.64
CA GLU A 6 -23.87 -1.03 8.00
C GLU A 6 -25.36 -1.36 7.91
N LYS A 7 -26.20 -0.32 7.82
CA LYS A 7 -27.64 -0.50 7.72
C LYS A 7 -28.08 -0.93 6.32
N ASP A 8 -27.17 -0.80 5.36
CA ASP A 8 -27.41 -1.27 4.00
C ASP A 8 -27.29 -2.79 3.94
N ILE A 9 -26.45 -3.34 4.82
CA ILE A 9 -26.21 -4.77 4.87
C ILE A 9 -27.43 -5.51 5.41
N GLU A 10 -27.92 -6.48 4.65
CA GLU A 10 -28.92 -7.39 5.18
C GLU A 10 -28.23 -8.38 6.13
N GLU A 11 -28.44 -8.17 7.42
CA GLU A 11 -27.74 -8.98 8.42
C GLU A 11 -28.66 -10.03 9.01
N VAL A 12 -28.30 -11.30 8.80
CA VAL A 12 -29.04 -12.41 9.37
C VAL A 12 -28.87 -12.45 10.88
N SER A 13 -29.98 -12.54 11.59
CA SER A 13 -29.96 -12.67 13.04
C SER A 13 -30.49 -14.04 13.44
N VAL A 14 -29.74 -14.76 14.26
CA VAL A 14 -30.13 -16.09 14.73
C VAL A 14 -31.51 -16.02 15.38
N PRO A 15 -32.49 -16.76 14.83
CA PRO A 15 -33.88 -16.72 15.26
C PRO A 15 -34.10 -17.57 16.51
N GLY A 16 -33.34 -17.28 17.56
CA GLY A 16 -33.43 -18.05 18.78
C GLY A 16 -32.98 -17.28 20.00
N VAL A 17 -33.09 -17.92 21.16
CA VAL A 17 -32.65 -17.34 22.41
C VAL A 17 -31.37 -18.02 22.86
N LEU A 18 -30.46 -17.24 23.44
CA LEU A 18 -29.24 -17.81 24.01
C LEU A 18 -29.61 -18.87 25.06
N ALA A 19 -28.96 -20.01 24.99
CA ALA A 19 -29.16 -21.05 25.99
C ALA A 19 -28.56 -20.57 27.31
N PRO A 20 -29.22 -20.91 28.44
CA PRO A 20 -28.72 -20.56 29.77
C PRO A 20 -27.37 -21.24 30.06
N ARG A 21 -26.59 -20.68 30.98
CA ARG A 21 -25.23 -21.16 31.26
C ARG A 21 -25.16 -22.61 31.74
N ASP A 22 -26.09 -22.99 32.61
CA ASP A 22 -26.14 -24.37 33.09
C ASP A 22 -26.50 -25.34 31.95
N ASP A 23 -27.31 -24.86 31.00
CA ASP A 23 -27.72 -25.68 29.87
C ASP A 23 -26.57 -25.94 28.91
N VAL A 24 -25.72 -24.94 28.67
CA VAL A 24 -24.61 -25.11 27.72
C VAL A 24 -23.51 -26.03 28.25
N ARG A 25 -23.39 -26.14 29.57
CA ARG A 25 -22.40 -27.06 30.15
C ARG A 25 -22.80 -28.50 29.84
N VAL A 26 -24.10 -28.77 29.90
CA VAL A 26 -24.63 -30.10 29.58
C VAL A 26 -24.42 -30.40 28.10
N LEU A 27 -24.76 -29.44 27.25
CA LEU A 27 -24.64 -29.61 25.81
C LEU A 27 -23.20 -29.83 25.36
N LYS A 28 -22.28 -29.00 25.87
CA LYS A 28 -20.86 -29.15 25.56
C LYS A 28 -20.33 -30.51 26.00
N THR A 29 -20.77 -30.95 27.17
CA THR A 29 -20.39 -32.27 27.69
C THR A 29 -20.96 -33.36 26.79
N ARG A 30 -22.23 -33.20 26.44
CA ARG A 30 -22.94 -34.16 25.59
C ARG A 30 -22.29 -34.27 24.21
N ILE A 31 -21.93 -33.12 23.63
CA ILE A 31 -21.31 -33.07 22.30
C ILE A 31 -19.91 -33.67 22.29
N ALA A 32 -19.09 -33.29 23.28
CA ALA A 32 -17.73 -33.82 23.40
C ALA A 32 -17.71 -35.33 23.57
N LYS A 33 -18.66 -35.86 24.35
CA LYS A 33 -18.78 -37.30 24.54
C LYS A 33 -19.14 -38.00 23.23
N LEU A 34 -19.95 -37.34 22.42
CA LEU A 34 -20.37 -37.88 21.13
C LEU A 34 -19.23 -37.90 20.11
N LEU A 35 -18.41 -36.86 20.11
CA LEU A 35 -17.38 -36.68 19.09
C LEU A 35 -15.98 -37.08 19.54
N GLY A 36 -15.76 -37.12 20.84
CA GLY A 36 -14.44 -37.45 21.37
C GLY A 36 -13.50 -36.25 21.31
N THR A 37 -14.04 -35.07 21.62
CA THR A 37 -13.24 -33.85 21.66
C THR A 37 -13.23 -33.28 23.08
N SER A 38 -12.62 -32.10 23.23
CA SER A 38 -12.66 -31.38 24.50
C SER A 38 -13.92 -30.51 24.54
N PRO A 39 -14.61 -30.49 25.69
CA PRO A 39 -15.91 -29.85 25.88
C PRO A 39 -15.98 -28.37 25.49
N ASP A 40 -14.93 -27.60 25.78
CA ASP A 40 -14.93 -26.18 25.48
C ASP A 40 -14.28 -25.86 24.15
N THR A 41 -14.02 -26.90 23.36
CA THR A 41 -13.40 -26.75 22.04
C THR A 41 -14.44 -26.86 20.91
N PHE A 42 -14.48 -25.84 20.06
CA PHE A 42 -15.36 -25.86 18.90
C PHE A 42 -14.97 -27.00 17.97
N PRO A 43 -15.92 -27.92 17.71
CA PRO A 43 -15.67 -29.11 16.90
C PRO A 43 -15.71 -28.82 15.40
N GLY A 44 -16.16 -27.63 15.02
CA GLY A 44 -16.26 -27.28 13.61
C GLY A 44 -14.91 -27.08 12.96
N SER A 45 -14.87 -27.22 11.64
CA SER A 45 -13.65 -26.99 10.87
C SER A 45 -13.53 -25.53 10.47
N GLN A 46 -12.29 -25.04 10.35
CA GLN A 46 -12.04 -23.72 9.83
C GLN A 46 -11.17 -23.83 8.58
N PRO A 47 -11.53 -23.10 7.52
CA PRO A 47 -10.77 -23.16 6.27
C PRO A 47 -9.50 -22.34 6.33
N VAL A 48 -8.56 -22.59 5.42
CA VAL A 48 -7.40 -21.74 5.26
C VAL A 48 -7.61 -20.85 4.04
N SER A 49 -6.97 -19.69 4.00
CA SER A 49 -7.09 -18.80 2.86
C SER A 49 -6.45 -19.42 1.62
N PHE A 50 -7.14 -19.30 0.48
CA PHE A 50 -6.61 -19.84 -0.77
C PHE A 50 -5.32 -19.12 -1.18
N SER A 51 -4.24 -19.91 -1.29
CA SER A 51 -2.93 -19.39 -1.66
C SER A 51 -2.53 -19.94 -3.02
N LYS A 52 -1.36 -19.55 -3.51
CA LYS A 52 -0.89 -20.01 -4.83
C LYS A 52 -0.62 -21.51 -4.86
N LYS A 53 -0.10 -22.04 -3.76
CA LYS A 53 0.20 -23.47 -3.67
C LYS A 53 -1.05 -24.34 -3.76
N HIS A 54 -2.22 -23.72 -3.65
CA HIS A 54 -3.48 -24.45 -3.66
C HIS A 54 -4.01 -24.71 -5.07
N LEU A 55 -3.34 -24.13 -6.07
CA LEU A 55 -3.65 -24.45 -7.46
C LEU A 55 -3.17 -25.88 -7.77
N GLN A 56 -2.03 -26.23 -7.21
CA GLN A 56 -1.47 -27.58 -7.34
C GLN A 56 -2.30 -28.59 -6.55
N ALA A 57 -2.76 -28.18 -5.38
CA ALA A 57 -3.57 -29.04 -4.53
C ALA A 57 -4.85 -29.47 -5.23
N LEU A 58 -5.46 -28.55 -5.98
CA LEU A 58 -6.69 -28.84 -6.71
C LEU A 58 -6.46 -29.82 -7.86
N LYS A 59 -5.20 -29.97 -8.27
CA LYS A 59 -4.85 -30.88 -9.37
C LYS A 59 -4.60 -32.30 -8.86
N GLU A 60 -4.25 -32.41 -7.58
CA GLU A 60 -3.84 -33.68 -7.00
C GLU A 60 -4.99 -34.45 -6.35
N LYS A 61 -6.01 -33.73 -5.87
CA LYS A 61 -7.11 -34.37 -5.17
C LYS A 61 -8.48 -33.95 -5.69
N ASN A 62 -9.45 -34.84 -5.53
CA ASN A 62 -10.83 -34.53 -5.89
C ASN A 62 -11.42 -33.49 -4.95
N TYR A 63 -12.07 -32.48 -5.52
CA TYR A 63 -12.62 -31.40 -4.72
C TYR A 63 -14.06 -31.08 -5.09
N PHE A 64 -14.80 -30.56 -4.12
CA PHE A 64 -16.07 -29.93 -4.40
C PHE A 64 -15.87 -28.44 -4.22
N VAL A 65 -16.75 -27.64 -4.81
CA VAL A 65 -16.72 -26.21 -4.56
C VAL A 65 -18.15 -25.69 -4.44
N CYS A 66 -18.37 -24.84 -3.44
CA CYS A 66 -19.66 -24.20 -3.27
C CYS A 66 -19.48 -22.71 -3.08
N GLU A 67 -20.58 -21.98 -3.10
CA GLU A 67 -20.58 -20.55 -2.88
C GLU A 67 -20.47 -20.25 -1.38
N LYS A 68 -19.56 -19.36 -1.01
CA LYS A 68 -19.46 -18.91 0.37
C LYS A 68 -20.40 -17.74 0.57
N SER A 69 -21.42 -17.94 1.39
CA SER A 69 -22.50 -16.96 1.52
C SER A 69 -22.29 -15.91 2.60
N ASP A 70 -22.92 -14.76 2.40
CA ASP A 70 -23.05 -13.75 3.45
C ASP A 70 -24.04 -14.27 4.48
N GLY A 71 -23.54 -14.80 5.58
CA GLY A 71 -24.39 -15.36 6.61
C GLY A 71 -23.59 -15.77 7.82
N ILE A 72 -24.19 -16.59 8.67
CA ILE A 72 -23.53 -17.03 9.89
C ILE A 72 -23.23 -18.52 9.83
N ARG A 73 -21.95 -18.86 9.93
CA ARG A 73 -21.56 -20.26 10.03
C ARG A 73 -21.94 -20.72 11.44
N CYS A 74 -22.74 -21.77 11.52
CA CYS A 74 -23.08 -22.37 12.80
C CYS A 74 -23.37 -23.87 12.65
N LEU A 75 -23.16 -24.60 13.73
CA LEU A 75 -23.48 -26.01 13.77
C LEU A 75 -24.89 -26.18 14.30
N LEU A 76 -25.65 -27.11 13.71
CA LEU A 76 -26.98 -27.41 14.20
C LEU A 76 -26.94 -28.72 14.99
N TYR A 77 -27.46 -28.67 16.21
CA TYR A 77 -27.43 -29.83 17.10
C TYR A 77 -28.85 -30.25 17.47
N MET A 78 -29.24 -31.44 17.02
CA MET A 78 -30.55 -32.01 17.37
C MET A 78 -30.38 -32.90 18.59
N THR A 79 -31.09 -32.57 19.67
CA THR A 79 -30.95 -33.31 20.91
C THR A 79 -32.19 -33.20 21.78
N GLU A 80 -32.06 -33.55 23.06
CA GLU A 80 -33.13 -33.37 24.00
C GLU A 80 -32.78 -32.24 24.96
N HIS A 81 -33.79 -31.53 25.43
CA HIS A 81 -33.60 -30.38 26.30
C HIS A 81 -32.95 -30.81 27.62
N PRO A 82 -31.87 -30.12 28.01
CA PRO A 82 -31.10 -30.45 29.22
C PRO A 82 -31.93 -30.50 30.49
N ARG A 83 -33.04 -29.77 30.53
CA ARG A 83 -33.90 -29.73 31.70
C ARG A 83 -35.16 -30.58 31.52
N TYR A 84 -35.58 -30.74 30.26
CA TYR A 84 -36.75 -31.53 29.93
C TYR A 84 -36.35 -32.67 29.00
N GLU A 85 -36.08 -33.83 29.59
CA GLU A 85 -35.51 -34.96 28.86
C GLU A 85 -36.45 -35.51 27.79
N ASN A 86 -37.72 -35.12 27.86
CA ASN A 86 -38.73 -35.62 26.94
C ASN A 86 -39.11 -34.60 25.88
N ARG A 87 -38.35 -33.52 25.80
CA ARG A 87 -38.63 -32.44 24.84
C ARG A 87 -37.53 -32.34 23.79
N PRO A 88 -37.88 -32.56 22.52
CA PRO A 88 -36.91 -32.43 21.42
C PRO A 88 -36.49 -30.97 21.29
N SER A 89 -35.19 -30.73 21.19
CA SER A 89 -34.68 -29.37 21.15
C SER A 89 -33.54 -29.22 20.15
N VAL A 90 -33.58 -28.12 19.38
CA VAL A 90 -32.57 -27.84 18.37
C VAL A 90 -31.75 -26.62 18.74
N TYR A 91 -30.42 -26.76 18.69
CA TYR A 91 -29.54 -25.65 19.01
C TYR A 91 -28.65 -25.27 17.82
N LEU A 92 -28.40 -23.97 17.69
CA LEU A 92 -27.41 -23.46 16.74
C LEU A 92 -26.26 -22.90 17.58
N PHE A 93 -25.02 -23.15 17.17
CA PHE A 93 -23.89 -22.57 17.87
C PHE A 93 -22.70 -22.25 16.97
N ASP A 94 -22.08 -21.11 17.23
CA ASP A 94 -20.98 -20.60 16.39
C ASP A 94 -19.61 -20.94 16.98
N ARG A 95 -18.56 -20.42 16.35
CA ARG A 95 -17.19 -20.72 16.75
C ARG A 95 -16.83 -20.23 18.16
N LYS A 96 -17.61 -19.29 18.68
CA LYS A 96 -17.39 -18.78 20.03
C LYS A 96 -18.14 -19.61 21.05
N MET A 97 -18.71 -20.73 20.59
CA MET A 97 -19.47 -21.65 21.43
C MET A 97 -20.62 -20.95 22.17
N ASN A 98 -21.35 -20.12 21.43
CA ASN A 98 -22.59 -19.53 21.92
C ASN A 98 -23.79 -20.31 21.42
N PHE A 99 -24.54 -20.91 22.33
CA PHE A 99 -25.67 -21.75 21.97
C PHE A 99 -26.97 -20.95 21.89
N TYR A 100 -27.69 -21.13 20.79
CA TYR A 100 -28.99 -20.51 20.61
C TYR A 100 -30.05 -21.59 20.52
N HIS A 101 -31.07 -21.50 21.36
CA HIS A 101 -32.17 -22.45 21.36
C HIS A 101 -33.24 -22.01 20.37
N VAL A 102 -33.53 -22.86 19.39
CA VAL A 102 -34.52 -22.55 18.36
C VAL A 102 -35.78 -23.39 18.53
N GLU A 103 -36.91 -22.74 18.79
CA GLU A 103 -38.17 -23.45 19.02
C GLU A 103 -39.05 -23.51 17.79
N LYS A 104 -40.03 -24.42 17.80
CA LYS A 104 -40.97 -24.63 16.71
C LYS A 104 -40.30 -25.13 15.43
N ILE A 105 -39.08 -25.65 15.57
CA ILE A 105 -38.38 -26.26 14.44
C ILE A 105 -38.48 -27.78 14.60
N PHE A 106 -38.59 -28.50 13.49
CA PHE A 106 -38.90 -29.93 13.55
C PHE A 106 -38.33 -30.71 12.36
N TYR A 107 -37.60 -31.77 12.67
CA TYR A 107 -37.04 -32.65 11.64
C TYR A 107 -37.66 -34.05 11.72
N PRO A 108 -38.53 -34.39 10.76
CA PRO A 108 -39.22 -35.67 10.71
C PRO A 108 -38.27 -36.86 10.56
N VAL A 109 -38.70 -38.03 11.02
CA VAL A 109 -37.96 -39.26 10.82
C VAL A 109 -38.60 -40.02 9.66
N GLU A 110 -37.77 -40.69 8.85
CA GLU A 110 -38.26 -41.39 7.67
C GLU A 110 -39.28 -42.48 8.00
N ASN A 111 -40.37 -42.52 7.24
CA ASN A 111 -41.41 -43.53 7.34
C ASN A 111 -42.29 -43.48 8.61
N ASP A 112 -42.08 -42.47 9.44
CA ASP A 112 -42.90 -42.28 10.64
C ASP A 112 -44.04 -41.29 10.35
N LYS A 113 -45.24 -41.82 10.16
CA LYS A 113 -46.40 -41.00 9.80
C LYS A 113 -47.13 -40.45 11.02
N SER A 114 -46.76 -40.94 12.21
CA SER A 114 -47.36 -40.45 13.45
C SER A 114 -46.90 -39.02 13.74
N GLY A 115 -45.64 -38.73 13.44
CA GLY A 115 -45.09 -37.41 13.66
C GLY A 115 -44.59 -37.21 15.08
N LYS A 116 -44.47 -38.30 15.82
CA LYS A 116 -44.07 -38.24 17.22
C LYS A 116 -42.58 -38.57 17.42
N LYS A 117 -41.99 -39.24 16.44
CA LYS A 117 -40.59 -39.62 16.52
C LYS A 117 -39.65 -38.49 16.05
N TYR A 118 -38.53 -38.33 16.74
CA TYR A 118 -37.60 -37.25 16.45
C TYR A 118 -36.14 -37.70 16.51
N HIS A 119 -35.26 -36.93 15.90
CA HIS A 119 -33.84 -37.25 15.89
C HIS A 119 -33.11 -36.71 17.12
N VAL A 120 -32.12 -37.47 17.60
CA VAL A 120 -31.21 -37.01 18.64
C VAL A 120 -29.79 -37.32 18.21
N ASP A 121 -28.81 -36.74 18.91
CA ASP A 121 -27.40 -36.96 18.63
C ASP A 121 -27.08 -36.74 17.15
N THR A 122 -27.62 -35.66 16.60
CA THR A 122 -27.40 -35.31 15.21
C THR A 122 -26.77 -33.93 15.15
N LEU A 123 -25.67 -33.81 14.40
CA LEU A 123 -24.91 -32.57 14.36
C LEU A 123 -24.54 -32.22 12.93
N LEU A 124 -25.02 -31.08 12.46
CA LEU A 124 -24.78 -30.65 11.08
C LEU A 124 -23.86 -29.43 11.04
N ASP A 125 -23.18 -29.25 9.91
CA ASP A 125 -22.41 -28.03 9.67
C ASP A 125 -23.07 -27.29 8.53
N GLY A 126 -23.34 -26.00 8.75
CA GLY A 126 -24.07 -25.24 7.76
C GLY A 126 -23.92 -23.74 7.91
N GLU A 127 -24.70 -23.01 7.12
CA GLU A 127 -24.67 -21.57 7.14
C GLU A 127 -26.10 -21.03 7.22
N LEU A 128 -26.30 -20.05 8.10
CA LEU A 128 -27.61 -19.43 8.26
C LEU A 128 -27.68 -18.17 7.41
N VAL A 129 -28.52 -18.20 6.37
CA VAL A 129 -28.62 -17.07 5.44
C VAL A 129 -30.01 -16.46 5.40
N LEU A 130 -30.09 -15.22 4.94
CA LEU A 130 -31.36 -14.53 4.80
C LEU A 130 -31.69 -14.28 3.33
N ASP A 131 -32.62 -15.07 2.79
CA ASP A 131 -33.02 -14.90 1.40
C ASP A 131 -34.05 -13.78 1.23
N ILE A 132 -33.80 -12.90 0.27
CA ILE A 132 -34.69 -11.78 0.02
C ILE A 132 -35.59 -12.04 -1.18
N TYR A 133 -36.90 -11.88 -0.99
CA TYR A 133 -37.88 -12.08 -2.05
C TYR A 133 -38.55 -10.75 -2.39
N PRO A 134 -39.15 -10.66 -3.60
CA PRO A 134 -39.87 -9.44 -3.98
C PRO A 134 -41.00 -9.15 -2.99
N GLY A 135 -41.30 -7.87 -2.78
CA GLY A 135 -42.34 -7.50 -1.83
C GLY A 135 -41.81 -7.34 -0.42
N GLY A 136 -40.49 -7.28 -0.30
CA GLY A 136 -39.85 -7.11 1.00
C GLY A 136 -40.09 -8.29 1.93
N LYS A 137 -40.25 -9.48 1.34
CA LYS A 137 -40.39 -10.69 2.14
C LYS A 137 -39.03 -11.32 2.44
N LYS A 138 -38.86 -11.78 3.67
CA LYS A 138 -37.60 -12.36 4.08
C LYS A 138 -37.79 -13.81 4.48
N GLN A 139 -36.81 -14.65 4.16
CA GLN A 139 -36.85 -16.06 4.52
C GLN A 139 -35.50 -16.52 5.06
N LEU A 140 -35.48 -16.93 6.32
CA LEU A 140 -34.27 -17.49 6.90
C LEU A 140 -34.08 -18.91 6.36
N ARG A 141 -32.83 -19.24 6.03
CA ARG A 141 -32.53 -20.56 5.50
C ARG A 141 -31.24 -21.09 6.09
N TYR A 142 -31.20 -22.40 6.36
CA TYR A 142 -29.99 -23.03 6.83
C TYR A 142 -29.47 -23.95 5.74
N LEU A 143 -28.30 -23.61 5.21
CA LEU A 143 -27.70 -24.38 4.13
C LEU A 143 -26.68 -25.37 4.67
N VAL A 144 -27.01 -26.66 4.63
CA VAL A 144 -26.15 -27.70 5.17
C VAL A 144 -25.05 -28.06 4.17
N PHE A 145 -23.80 -27.99 4.61
CA PHE A 145 -22.67 -28.37 3.75
C PHE A 145 -21.80 -29.49 4.33
N ASP A 146 -22.17 -29.99 5.50
CA ASP A 146 -21.48 -31.13 6.10
C ASP A 146 -22.25 -31.74 7.26
N CYS A 147 -21.99 -33.03 7.53
CA CYS A 147 -22.62 -33.74 8.62
C CYS A 147 -21.55 -34.39 9.51
N LEU A 148 -21.59 -34.06 10.80
CA LEU A 148 -20.60 -34.59 11.74
C LEU A 148 -21.12 -35.87 12.40
N ALA A 149 -22.43 -35.89 12.67
CA ALA A 149 -23.07 -37.04 13.28
C ALA A 149 -24.53 -37.12 12.88
N CYS A 150 -25.02 -38.33 12.67
CA CYS A 150 -26.42 -38.54 12.31
C CYS A 150 -27.00 -39.69 13.13
N ASP A 151 -27.93 -39.35 14.03
CA ASP A 151 -28.64 -40.33 14.85
C ASP A 151 -27.70 -41.19 15.72
N GLY A 152 -26.75 -40.54 16.37
CA GLY A 152 -25.84 -41.23 17.28
C GLY A 152 -24.57 -41.75 16.62
N ILE A 153 -24.57 -41.84 15.30
CA ILE A 153 -23.42 -42.36 14.56
C ILE A 153 -22.49 -41.24 14.08
N VAL A 154 -21.22 -41.32 14.45
CA VAL A 154 -20.22 -40.31 14.05
C VAL A 154 -19.71 -40.55 12.64
N TYR A 155 -19.86 -39.53 11.78
CA TYR A 155 -19.46 -39.65 10.38
C TYR A 155 -18.20 -38.85 10.04
N MET A 156 -17.60 -38.24 11.06
CA MET A 156 -16.41 -37.42 10.87
C MET A 156 -15.24 -38.16 10.19
N SER A 157 -15.13 -39.46 10.45
CA SER A 157 -14.04 -40.26 9.90
C SER A 157 -14.29 -40.71 8.46
N ARG A 158 -15.53 -40.54 8.00
CA ARG A 158 -15.90 -40.93 6.64
C ARG A 158 -15.59 -39.80 5.67
N LEU A 159 -15.67 -40.08 4.37
CA LEU A 159 -15.40 -39.08 3.35
C LEU A 159 -16.64 -38.21 3.13
N LEU A 160 -16.46 -37.11 2.39
CA LEU A 160 -17.50 -36.10 2.22
C LEU A 160 -18.80 -36.63 1.60
N ASP A 161 -18.67 -37.51 0.62
CA ASP A 161 -19.84 -38.05 -0.07
C ASP A 161 -20.73 -38.86 0.88
N LYS A 162 -20.09 -39.56 1.81
CA LYS A 162 -20.82 -40.37 2.79
C LYS A 162 -21.45 -39.51 3.88
N ARG A 163 -20.73 -38.47 4.29
CA ARG A 163 -21.22 -37.52 5.28
C ARG A 163 -22.46 -36.79 4.78
N LEU A 164 -22.38 -36.28 3.56
CA LEU A 164 -23.51 -35.58 2.95
C LEU A 164 -24.58 -36.57 2.51
N GLY A 165 -24.17 -37.81 2.24
CA GLY A 165 -25.10 -38.85 1.84
C GLY A 165 -26.09 -39.22 2.92
N ILE A 166 -25.59 -39.43 4.14
CA ILE A 166 -26.43 -39.79 5.27
C ILE A 166 -27.39 -38.67 5.66
N PHE A 167 -26.97 -37.41 5.50
CA PHE A 167 -27.84 -36.29 5.81
C PHE A 167 -29.00 -36.19 4.83
N ALA A 168 -28.69 -36.39 3.55
CA ALA A 168 -29.68 -36.29 2.49
C ALA A 168 -30.80 -37.32 2.64
N LYS A 169 -30.43 -38.54 2.99
CA LYS A 169 -31.40 -39.63 3.12
C LYS A 169 -32.15 -39.59 4.45
N SER A 170 -31.41 -39.41 5.54
CA SER A 170 -31.98 -39.52 6.88
C SER A 170 -32.70 -38.25 7.37
N ILE A 171 -32.34 -37.10 6.81
CA ILE A 171 -32.88 -35.82 7.29
C ILE A 171 -33.57 -35.00 6.21
N GLN A 172 -32.87 -34.75 5.11
CA GLN A 172 -33.42 -33.92 4.03
C GLN A 172 -34.63 -34.57 3.35
N LYS A 173 -34.49 -35.84 3.01
CA LYS A 173 -35.57 -36.57 2.33
C LYS A 173 -36.90 -36.60 3.09
N PRO A 174 -36.90 -37.00 4.38
CA PRO A 174 -38.18 -36.99 5.10
C PRO A 174 -38.76 -35.59 5.24
N LEU A 175 -37.89 -34.60 5.45
CA LEU A 175 -38.34 -33.21 5.58
C LEU A 175 -38.99 -32.72 4.30
N ASP A 176 -38.48 -33.17 3.16
CA ASP A 176 -39.04 -32.82 1.85
C ASP A 176 -40.41 -33.46 1.68
N GLU A 177 -40.52 -34.73 2.04
CA GLU A 177 -41.80 -35.45 2.01
C GLU A 177 -42.81 -34.77 2.91
N TYR A 178 -42.38 -34.45 4.13
CA TYR A 178 -43.22 -33.79 5.11
C TYR A 178 -43.71 -32.44 4.63
N THR A 179 -42.81 -31.66 4.04
CA THR A 179 -43.13 -30.31 3.59
C THR A 179 -44.17 -30.30 2.47
N LYS A 180 -44.14 -31.33 1.63
CA LYS A 180 -45.05 -31.42 0.50
C LYS A 180 -46.51 -31.56 0.95
N THR A 181 -46.71 -32.20 2.10
CA THR A 181 -48.04 -32.53 2.58
C THR A 181 -48.45 -31.75 3.82
N HIS A 182 -47.46 -31.16 4.49
CA HIS A 182 -47.71 -30.40 5.71
C HIS A 182 -47.29 -28.94 5.56
N MET A 183 -47.55 -28.39 4.37
CA MET A 183 -47.13 -27.03 4.01
C MET A 183 -47.51 -25.97 5.04
N ARG A 184 -48.65 -26.15 5.69
CA ARG A 184 -49.12 -25.22 6.70
C ARG A 184 -48.21 -25.22 7.93
N GLU A 185 -47.87 -26.42 8.40
CA GLU A 185 -47.01 -26.58 9.58
C GLU A 185 -45.57 -26.16 9.29
N THR A 186 -45.15 -26.29 8.03
CA THR A 186 -43.81 -25.91 7.61
C THR A 186 -43.57 -24.40 7.70
N ALA A 187 -44.59 -23.63 7.35
CA ALA A 187 -44.47 -22.17 7.31
C ALA A 187 -44.23 -21.54 8.69
N ILE A 188 -44.37 -22.33 9.76
CA ILE A 188 -44.15 -21.81 11.11
C ILE A 188 -42.69 -21.99 11.53
N PHE A 189 -41.95 -22.81 10.79
CA PHE A 189 -40.53 -23.01 11.06
C PHE A 189 -39.79 -21.68 11.07
N PRO A 190 -38.89 -21.48 12.07
CA PRO A 190 -38.08 -20.27 12.16
C PRO A 190 -37.19 -20.12 10.94
N PHE A 191 -36.78 -21.26 10.36
CA PHE A 191 -36.04 -21.27 9.11
C PHE A 191 -36.26 -22.55 8.32
N LEU A 192 -35.94 -22.51 7.03
CA LEU A 192 -35.98 -23.70 6.20
C LEU A 192 -34.57 -24.29 6.09
N THR A 193 -34.50 -25.61 5.91
CA THR A 193 -33.22 -26.30 5.85
C THR A 193 -33.05 -26.99 4.51
N SER A 194 -31.88 -26.82 3.88
CA SER A 194 -31.60 -27.46 2.60
C SER A 194 -30.12 -27.79 2.44
N LEU A 195 -29.83 -28.76 1.58
CA LEU A 195 -28.47 -29.10 1.23
C LEU A 195 -27.91 -28.01 0.31
N LYS A 196 -26.67 -27.61 0.54
CA LYS A 196 -26.09 -26.51 -0.24
C LYS A 196 -25.81 -26.94 -1.68
N LYS A 197 -26.00 -26.00 -2.60
CA LYS A 197 -25.70 -26.23 -4.01
C LYS A 197 -24.20 -26.40 -4.21
N MET A 198 -23.79 -27.61 -4.60
CA MET A 198 -22.37 -27.89 -4.81
C MET A 198 -22.02 -28.26 -6.24
N GLU A 199 -20.76 -28.05 -6.61
CA GLU A 199 -20.26 -28.39 -7.94
C GLU A 199 -18.93 -29.11 -7.82
N LEU A 200 -18.51 -29.76 -8.91
CA LEU A 200 -17.19 -30.37 -8.96
C LEU A 200 -16.15 -29.24 -8.95
N GLY A 201 -14.97 -29.53 -8.43
CA GLY A 201 -13.93 -28.53 -8.25
C GLY A 201 -13.60 -27.67 -9.46
N HIS A 202 -13.88 -28.19 -10.65
CA HIS A 202 -13.59 -27.48 -11.89
C HIS A 202 -14.82 -26.77 -12.47
N GLY A 203 -15.91 -26.75 -11.70
CA GLY A 203 -17.13 -26.10 -12.16
C GLY A 203 -17.27 -24.68 -11.65
N ILE A 204 -16.13 -24.04 -11.37
CA ILE A 204 -16.08 -22.68 -10.86
C ILE A 204 -16.83 -21.68 -11.74
N LEU A 205 -16.59 -21.76 -13.05
CA LEU A 205 -17.22 -20.86 -14.02
C LEU A 205 -18.74 -20.86 -13.89
N LYS A 206 -19.31 -22.04 -13.67
CA LYS A 206 -20.75 -22.20 -13.54
C LYS A 206 -21.27 -21.47 -12.31
N LEU A 207 -20.50 -21.49 -11.23
CA LEU A 207 -20.85 -20.78 -10.01
C LEU A 207 -20.91 -19.28 -10.24
N PHE A 208 -19.85 -18.74 -10.82
CA PHE A 208 -19.75 -17.30 -11.09
C PHE A 208 -20.86 -16.77 -12.00
N ASN A 209 -21.12 -17.48 -13.09
CA ASN A 209 -22.00 -16.97 -14.14
C ASN A 209 -23.48 -17.34 -14.02
N GLU A 210 -23.78 -18.45 -13.36
CA GLU A 210 -25.16 -18.95 -13.31
C GLU A 210 -25.75 -18.99 -11.92
N VAL A 211 -25.03 -19.61 -10.98
CA VAL A 211 -25.54 -19.85 -9.63
C VAL A 211 -25.55 -18.60 -8.76
N ILE A 212 -24.38 -18.01 -8.55
CA ILE A 212 -24.22 -16.84 -7.69
C ILE A 212 -25.12 -15.62 -8.01
N PRO A 213 -25.24 -15.25 -9.31
CA PRO A 213 -26.13 -14.11 -9.58
C PRO A 213 -27.62 -14.42 -9.41
N ARG A 214 -27.97 -15.68 -9.22
CA ARG A 214 -29.38 -16.05 -9.05
C ARG A 214 -29.76 -16.30 -7.58
N LEU A 215 -28.79 -16.28 -6.69
CA LEU A 215 -29.04 -16.47 -5.27
C LEU A 215 -29.89 -15.32 -4.71
N ARG A 216 -30.64 -15.61 -3.65
CA ARG A 216 -31.46 -14.58 -3.01
C ARG A 216 -30.78 -14.04 -1.76
N HIS A 217 -29.51 -14.42 -1.59
CA HIS A 217 -28.66 -13.84 -0.54
C HIS A 217 -27.34 -13.40 -1.14
N GLY A 218 -26.47 -12.82 -0.31
CA GLY A 218 -25.21 -12.30 -0.77
C GLY A 218 -24.08 -13.32 -0.80
N ASN A 219 -23.00 -12.99 -1.51
CA ASN A 219 -21.85 -13.87 -1.65
C ASN A 219 -20.56 -13.15 -1.26
N ASP A 220 -19.64 -13.88 -0.62
CA ASP A 220 -18.28 -13.36 -0.43
C ASP A 220 -17.22 -14.46 -0.65
N GLY A 221 -17.28 -15.09 -1.82
CA GLY A 221 -16.24 -16.01 -2.23
C GLY A 221 -16.66 -17.45 -2.45
N LEU A 222 -15.66 -18.33 -2.42
CA LEU A 222 -15.85 -19.76 -2.69
C LEU A 222 -15.23 -20.61 -1.59
N ILE A 223 -15.81 -21.78 -1.36
CA ILE A 223 -15.23 -22.75 -0.43
C ILE A 223 -14.87 -24.01 -1.21
N PHE A 224 -13.64 -24.47 -1.04
CA PHE A 224 -13.19 -25.71 -1.66
C PHE A 224 -13.10 -26.81 -0.61
N THR A 225 -13.91 -27.86 -0.79
CA THR A 225 -13.94 -28.97 0.17
C THR A 225 -13.42 -30.25 -0.45
N CYS A 226 -12.35 -30.79 0.12
CA CYS A 226 -11.75 -32.03 -0.38
C CYS A 226 -12.66 -33.22 -0.10
N THR A 227 -12.81 -34.08 -1.10
CA THR A 227 -13.69 -35.24 -1.01
C THR A 227 -12.92 -36.51 -0.67
N GLU A 228 -11.64 -36.35 -0.35
CA GLU A 228 -10.76 -37.47 -0.08
C GLU A 228 -10.24 -37.44 1.36
N THR A 229 -10.78 -36.52 2.15
CA THR A 229 -10.28 -36.31 3.52
C THR A 229 -11.40 -36.38 4.55
N PRO A 230 -11.05 -36.79 5.79
CA PRO A 230 -12.02 -36.84 6.88
C PRO A 230 -12.34 -35.44 7.40
N TYR A 231 -13.43 -35.29 8.14
CA TYR A 231 -13.75 -34.02 8.77
C TYR A 231 -12.75 -33.74 9.87
N VAL A 232 -12.18 -32.54 9.86
CA VAL A 232 -11.16 -32.16 10.83
C VAL A 232 -11.67 -31.03 11.73
N SER A 233 -11.60 -31.22 13.04
CA SER A 233 -11.97 -30.16 13.96
C SER A 233 -10.87 -29.11 14.00
N GLY A 234 -11.22 -27.84 13.89
CA GLY A 234 -10.24 -26.78 13.84
C GLY A 234 -9.76 -26.50 12.42
N THR A 235 -8.57 -25.93 12.30
CA THR A 235 -8.01 -25.55 11.01
C THR A 235 -7.73 -26.76 10.11
N ASP A 236 -8.40 -26.80 8.96
CA ASP A 236 -8.22 -27.86 7.97
C ASP A 236 -7.45 -27.33 6.76
N GLN A 237 -6.25 -27.86 6.54
CA GLN A 237 -5.38 -27.41 5.46
C GLN A 237 -5.89 -27.80 4.07
N SER A 238 -6.92 -28.65 4.03
CA SER A 238 -7.51 -29.08 2.76
C SER A 238 -8.80 -28.33 2.45
N LEU A 239 -9.32 -27.61 3.43
CA LEU A 239 -10.54 -26.82 3.24
C LEU A 239 -10.13 -25.38 2.90
N LEU A 240 -10.42 -24.95 1.68
CA LEU A 240 -9.90 -23.68 1.18
C LEU A 240 -11.02 -22.67 0.93
N LYS A 241 -10.85 -21.45 1.46
CA LYS A 241 -11.76 -20.38 1.09
C LYS A 241 -11.08 -19.35 0.18
N TRP A 242 -11.71 -19.08 -0.96
CA TRP A 242 -11.20 -18.11 -1.90
C TRP A 242 -12.10 -16.88 -1.90
N LYS A 243 -11.50 -15.72 -2.13
CA LYS A 243 -12.20 -14.46 -2.02
C LYS A 243 -11.47 -13.42 -2.87
N PRO A 244 -12.22 -12.67 -3.70
CA PRO A 244 -11.57 -11.62 -4.48
C PRO A 244 -11.02 -10.52 -3.58
N LYS A 245 -10.01 -9.80 -4.05
CA LYS A 245 -9.34 -8.77 -3.26
C LYS A 245 -10.32 -7.73 -2.69
N GLU A 246 -11.33 -7.40 -3.49
CA GLU A 246 -12.31 -6.38 -3.13
C GLU A 246 -13.19 -6.75 -1.92
N MET A 247 -13.14 -8.01 -1.50
CA MET A 247 -13.96 -8.46 -0.39
C MET A 247 -13.12 -8.61 0.88
N ASN A 248 -11.81 -8.44 0.74
CA ASN A 248 -10.94 -8.42 1.90
C ASN A 248 -10.87 -7.02 2.48
N THR A 249 -11.90 -6.63 3.23
CA THR A 249 -12.03 -5.27 3.73
C THR A 249 -11.43 -5.06 5.11
N ILE A 250 -11.12 -3.81 5.43
CA ILE A 250 -10.58 -3.44 6.74
C ILE A 250 -11.31 -2.24 7.31
N ASP A 251 -11.57 -2.24 8.62
CA ASP A 251 -12.12 -1.06 9.27
C ASP A 251 -10.99 -0.15 9.74
N PHE A 252 -11.03 1.10 9.32
CA PHE A 252 -10.05 2.10 9.76
C PHE A 252 -10.73 3.23 10.51
N MET A 253 -9.94 3.99 11.25
CA MET A 253 -10.37 5.28 11.76
C MET A 253 -10.03 6.33 10.71
N LEU A 254 -11.05 6.97 10.15
CA LEU A 254 -10.83 8.01 9.16
C LEU A 254 -10.62 9.37 9.82
N LYS A 255 -9.67 10.13 9.29
CA LYS A 255 -9.37 11.45 9.81
C LYS A 255 -9.05 12.38 8.63
N LEU A 256 -9.78 13.48 8.54
CA LEU A 256 -9.61 14.42 7.44
C LEU A 256 -8.64 15.54 7.84
N GLU A 257 -7.72 15.86 6.95
CA GLU A 257 -6.77 16.94 7.22
C GLU A 257 -6.78 17.93 6.06
N PHE A 258 -7.06 19.18 6.37
CA PHE A 258 -7.19 20.21 5.34
C PHE A 258 -5.92 21.02 5.17
N ALA A 259 -5.57 21.28 3.91
CA ALA A 259 -4.39 22.07 3.57
C ALA A 259 -4.50 23.47 4.15
N GLN A 260 -3.65 23.79 5.11
CA GLN A 260 -3.57 25.13 5.68
C GLN A 260 -2.72 26.02 4.77
N PRO A 261 -3.38 26.93 4.03
CA PRO A 261 -2.65 27.76 3.07
C PRO A 261 -1.93 28.91 3.77
N GLU A 262 -0.91 29.45 3.12
CA GLU A 262 -0.18 30.58 3.68
C GLU A 262 -0.98 31.87 3.57
N GLU A 263 -1.86 31.93 2.57
CA GLU A 263 -2.65 33.13 2.30
C GLU A 263 -4.13 32.92 2.59
N GLY A 264 -4.72 33.88 3.31
CA GLY A 264 -6.14 33.84 3.60
C GLY A 264 -6.53 32.71 4.52
N ASP A 265 -7.73 32.17 4.31
CA ASP A 265 -8.25 31.11 5.16
C ASP A 265 -8.34 29.76 4.43
N ILE A 266 -8.80 28.74 5.15
CA ILE A 266 -8.90 27.40 4.60
C ILE A 266 -10.13 27.25 3.69
N ASP A 267 -9.92 26.66 2.51
CA ASP A 267 -11.02 26.33 1.60
C ASP A 267 -11.53 24.93 1.89
N TYR A 268 -12.62 24.83 2.63
CA TYR A 268 -13.14 23.54 3.07
C TYR A 268 -13.88 22.77 1.98
N SER A 269 -14.17 23.44 0.87
CA SER A 269 -14.81 22.77 -0.27
C SER A 269 -13.78 21.98 -1.08
N ALA A 270 -12.50 22.26 -0.85
CA ALA A 270 -11.42 21.59 -1.58
C ALA A 270 -11.08 20.26 -0.92
N MET A 271 -10.69 19.29 -1.73
CA MET A 271 -10.38 17.94 -1.26
C MET A 271 -9.24 17.92 -0.23
N PRO A 272 -9.52 17.37 0.96
CA PRO A 272 -8.56 17.24 2.05
C PRO A 272 -7.77 15.94 1.94
N GLU A 273 -6.91 15.68 2.92
CA GLU A 273 -6.23 14.39 3.03
C GLU A 273 -7.11 13.43 3.82
N PHE A 274 -7.24 12.21 3.32
CA PHE A 274 -8.02 11.19 4.01
C PHE A 274 -7.10 10.18 4.68
N GLN A 275 -6.83 10.39 5.96
CA GLN A 275 -5.92 9.52 6.71
C GLN A 275 -6.65 8.32 7.29
N LEU A 276 -6.12 7.14 7.03
CA LEU A 276 -6.66 5.92 7.60
C LEU A 276 -5.79 5.50 8.78
N GLY A 277 -6.42 5.29 9.93
CA GLY A 277 -5.68 4.94 11.13
C GLY A 277 -6.01 3.54 11.63
N VAL A 278 -5.01 2.87 12.17
CA VAL A 278 -5.19 1.53 12.73
C VAL A 278 -5.20 1.60 14.25
N TRP A 279 -6.09 0.83 14.86
CA TRP A 279 -6.20 0.76 16.31
C TRP A 279 -5.13 -0.16 16.90
N GLU A 280 -4.41 0.32 17.89
CA GLU A 280 -3.38 -0.47 18.55
C GLU A 280 -3.68 -0.66 20.03
N GLY A 281 -3.26 0.31 20.84
CA GLY A 281 -3.45 0.25 22.26
C GLY A 281 -4.89 0.53 22.70
N ARG A 282 -5.04 1.40 23.69
CA ARG A 282 -6.34 1.68 24.26
C ARG A 282 -7.12 2.60 23.34
N ASN A 283 -6.78 3.88 23.38
CA ASN A 283 -7.27 4.85 22.41
C ASN A 283 -6.09 5.38 21.62
N MET A 284 -5.14 4.49 21.34
CA MET A 284 -3.93 4.82 20.62
C MET A 284 -4.04 4.34 19.18
N TYR A 285 -4.10 5.30 18.25
CA TYR A 285 -4.16 4.98 16.83
C TYR A 285 -2.85 5.34 16.15
N SER A 286 -2.59 4.72 15.00
CA SER A 286 -1.38 5.02 14.24
C SER A 286 -1.72 5.13 12.75
N PHE A 287 -1.06 6.05 12.06
CA PHE A 287 -1.25 6.22 10.62
C PHE A 287 -0.93 4.91 9.90
N PHE A 288 -1.73 4.59 8.88
CA PHE A 288 -1.51 3.37 8.12
C PHE A 288 -1.49 3.63 6.60
N ALA A 289 -2.38 4.50 6.14
CA ALA A 289 -2.49 4.80 4.71
C ALA A 289 -3.34 6.02 4.46
N PHE A 290 -3.32 6.47 3.21
CA PHE A 290 -4.24 7.50 2.77
C PHE A 290 -5.30 6.86 1.91
N MET A 291 -6.55 7.20 2.17
CA MET A 291 -7.65 6.70 1.36
C MET A 291 -7.70 7.51 0.07
N TYR A 292 -7.72 6.83 -1.07
CA TYR A 292 -7.80 7.53 -2.34
C TYR A 292 -9.24 7.94 -2.66
N VAL A 293 -9.44 9.23 -2.89
CA VAL A 293 -10.76 9.78 -3.20
C VAL A 293 -10.64 10.71 -4.39
N ASP A 294 -11.39 10.44 -5.46
CA ASP A 294 -11.38 11.36 -6.60
C ASP A 294 -12.36 12.53 -6.38
N GLU A 295 -12.36 13.50 -7.28
CA GLU A 295 -13.19 14.68 -7.14
C GLU A 295 -14.68 14.37 -7.12
N LYS A 296 -15.08 13.40 -7.93
CA LYS A 296 -16.49 13.00 -8.04
C LYS A 296 -16.99 12.40 -6.73
N GLU A 297 -16.15 11.56 -6.10
CA GLU A 297 -16.51 10.94 -4.83
C GLU A 297 -16.52 11.98 -3.71
N TRP A 298 -15.61 12.95 -3.79
CA TRP A 298 -15.52 13.99 -2.76
C TRP A 298 -16.80 14.85 -2.76
N GLU A 299 -17.28 15.19 -3.94
CA GLU A 299 -18.54 15.91 -4.07
C GLU A 299 -19.68 15.07 -3.52
N LYS A 300 -19.66 13.78 -3.83
CA LYS A 300 -20.67 12.85 -3.35
C LYS A 300 -20.63 12.76 -1.82
N LEU A 301 -19.41 12.74 -1.28
CA LEU A 301 -19.23 12.70 0.17
C LEU A 301 -19.78 13.95 0.85
N LYS A 302 -19.54 15.11 0.24
CA LYS A 302 -20.03 16.37 0.79
C LYS A 302 -21.56 16.44 0.70
N SER A 303 -22.10 15.90 -0.39
CA SER A 303 -23.54 15.88 -0.62
C SER A 303 -24.31 15.06 0.41
N PHE A 304 -23.60 14.15 1.09
CA PHE A 304 -24.20 13.36 2.16
C PHE A 304 -24.57 14.24 3.34
N ASN A 305 -23.84 15.35 3.50
CA ASN A 305 -24.03 16.28 4.61
C ASN A 305 -23.98 15.57 5.97
N VAL A 306 -23.02 14.67 6.12
CA VAL A 306 -22.77 14.02 7.40
C VAL A 306 -21.32 14.23 7.80
N PRO A 307 -21.02 14.21 9.10
CA PRO A 307 -19.63 14.30 9.57
C PRO A 307 -18.78 13.19 8.96
N LEU A 308 -17.60 13.54 8.45
CA LEU A 308 -16.73 12.55 7.80
C LEU A 308 -15.57 12.13 8.70
N SER A 309 -14.93 13.11 9.33
CA SER A 309 -13.74 12.86 10.14
C SER A 309 -14.09 12.19 11.46
N GLU A 310 -13.11 11.51 12.04
CA GLU A 310 -13.22 10.91 13.38
C GLU A 310 -14.25 9.79 13.49
N ARG A 311 -14.41 9.01 12.43
CA ARG A 311 -15.29 7.84 12.51
C ARG A 311 -14.76 6.61 11.77
N ILE A 312 -15.32 5.45 12.12
CA ILE A 312 -14.88 4.19 11.58
C ILE A 312 -15.43 3.97 10.18
N VAL A 313 -14.54 3.68 9.23
CA VAL A 313 -14.95 3.38 7.85
C VAL A 313 -14.43 2.03 7.41
N GLU A 314 -15.24 1.33 6.61
CA GLU A 314 -14.79 0.10 6.00
C GLU A 314 -14.20 0.45 4.64
N CYS A 315 -12.99 -0.01 4.38
CA CYS A 315 -12.31 0.28 3.12
C CYS A 315 -11.92 -1.00 2.40
N TYR A 316 -11.71 -0.87 1.08
CA TYR A 316 -11.27 -2.00 0.27
C TYR A 316 -10.15 -1.57 -0.68
N LEU A 317 -9.39 -2.53 -1.18
CA LEU A 317 -8.32 -2.27 -2.14
C LEU A 317 -8.84 -2.40 -3.57
N ASP A 318 -8.51 -1.44 -4.43
CA ASP A 318 -8.91 -1.52 -5.83
C ASP A 318 -7.84 -2.20 -6.70
N ASP A 319 -7.97 -2.06 -8.01
CA ASP A 319 -7.02 -2.67 -8.96
C ASP A 319 -5.62 -2.06 -8.88
N GLU A 320 -5.54 -0.80 -8.44
CA GLU A 320 -4.25 -0.12 -8.30
C GLU A 320 -3.70 -0.26 -6.87
N ASN A 321 -4.34 -1.13 -6.09
CA ASN A 321 -3.99 -1.32 -4.68
C ASN A 321 -4.07 -0.03 -3.87
N ARG A 322 -5.09 0.77 -4.15
CA ARG A 322 -5.40 1.93 -3.33
C ARG A 322 -6.58 1.62 -2.42
N TRP A 323 -6.50 2.04 -1.16
CA TRP A 323 -7.62 1.89 -0.25
C TRP A 323 -8.76 2.81 -0.66
N ARG A 324 -9.96 2.26 -0.74
CA ARG A 324 -11.13 3.02 -1.18
C ARG A 324 -12.25 2.94 -0.16
N PHE A 325 -13.01 4.02 -0.03
CA PHE A 325 -14.17 4.04 0.85
C PHE A 325 -15.23 3.05 0.39
N LEU A 326 -15.73 2.24 1.32
CA LEU A 326 -16.82 1.32 1.03
C LEU A 326 -18.09 1.75 1.75
N ARG A 327 -17.99 1.96 3.06
CA ARG A 327 -19.15 2.37 3.87
C ARG A 327 -18.71 2.79 5.26
N PHE A 328 -19.59 3.48 5.98
CA PHE A 328 -19.35 3.79 7.37
C PHE A 328 -19.73 2.61 8.26
N ARG A 329 -19.08 2.51 9.42
CA ARG A 329 -19.39 1.48 10.41
C ARG A 329 -19.74 2.14 11.74
N ASP A 330 -21.03 2.39 11.95
CA ASP A 330 -21.48 3.04 13.18
C ASP A 330 -21.62 2.01 14.31
N ASP A 331 -21.58 0.74 13.94
CA ASP A 331 -21.71 -0.36 14.88
C ASP A 331 -20.38 -0.77 15.48
N LYS A 332 -19.33 0.00 15.18
CA LYS A 332 -18.00 -0.30 15.70
C LYS A 332 -17.50 0.82 16.60
N ARG A 333 -16.93 0.44 17.74
CA ARG A 333 -16.33 1.42 18.64
C ARG A 333 -14.93 1.79 18.15
N ASP A 334 -14.23 0.81 17.57
CA ASP A 334 -12.87 1.03 17.10
C ASP A 334 -12.60 0.39 15.74
N ALA A 335 -11.51 0.81 15.11
CA ALA A 335 -11.03 0.19 13.89
C ALA A 335 -10.46 -1.19 14.22
N ASN A 336 -10.10 -1.95 13.19
CA ASN A 336 -9.49 -3.25 13.40
C ASN A 336 -8.15 -3.12 14.14
N HIS A 337 -7.84 -4.10 14.98
CA HIS A 337 -6.55 -4.13 15.65
C HIS A 337 -5.47 -4.43 14.63
N ILE A 338 -4.26 -3.92 14.87
CA ILE A 338 -3.15 -4.08 13.94
C ILE A 338 -2.89 -5.55 13.57
N SER A 339 -3.08 -6.44 14.54
CA SER A 339 -2.92 -7.86 14.32
C SER A 339 -3.92 -8.40 13.30
N THR A 340 -5.14 -7.86 13.35
CA THR A 340 -6.19 -8.24 12.40
C THR A 340 -5.86 -7.75 10.99
N VAL A 341 -5.42 -6.49 10.90
CA VAL A 341 -5.07 -5.86 9.64
C VAL A 341 -3.99 -6.65 8.93
N LYS A 342 -2.97 -7.03 9.70
CA LYS A 342 -1.86 -7.81 9.18
C LYS A 342 -2.34 -9.12 8.56
N SER A 343 -3.23 -9.82 9.25
CA SER A 343 -3.77 -11.09 8.75
C SER A 343 -4.51 -10.93 7.42
N VAL A 344 -5.37 -9.91 7.33
CA VAL A 344 -6.13 -9.65 6.11
C VAL A 344 -5.20 -9.36 4.94
N LEU A 345 -4.24 -8.48 5.16
CA LEU A 345 -3.28 -8.12 4.13
C LEU A 345 -2.43 -9.30 3.69
N GLN A 346 -2.19 -10.25 4.60
CA GLN A 346 -1.45 -11.44 4.23
C GLN A 346 -2.27 -12.32 3.29
N SER A 347 -3.57 -12.42 3.53
CA SER A 347 -4.47 -13.15 2.65
C SER A 347 -4.54 -12.51 1.26
N ILE A 348 -4.24 -11.22 1.21
CA ILE A 348 -4.23 -10.48 -0.06
C ILE A 348 -2.91 -10.69 -0.80
N GLU A 349 -1.80 -10.60 -0.07
CA GLU A 349 -0.48 -10.81 -0.63
C GLU A 349 -0.29 -12.20 -1.23
N ASP A 350 -0.81 -13.22 -0.55
CA ASP A 350 -0.73 -14.59 -1.03
C ASP A 350 -1.95 -14.95 -1.85
N GLY A 351 -2.73 -13.94 -2.22
CA GLY A 351 -3.98 -14.17 -2.93
C GLY A 351 -3.81 -14.62 -4.36
N VAL A 352 -4.86 -15.24 -4.89
CA VAL A 352 -4.91 -15.64 -6.29
C VAL A 352 -6.06 -14.91 -6.94
N SER A 353 -5.78 -14.22 -8.05
CA SER A 353 -6.83 -13.48 -8.76
C SER A 353 -7.86 -14.43 -9.35
N LYS A 354 -9.03 -13.89 -9.68
CA LYS A 354 -10.10 -14.68 -10.26
C LYS A 354 -9.72 -15.19 -11.65
N GLU A 355 -8.94 -14.38 -12.38
CA GLU A 355 -8.50 -14.73 -13.71
C GLU A 355 -7.53 -15.92 -13.69
N ASP A 356 -6.58 -15.89 -12.76
CA ASP A 356 -5.64 -16.99 -12.60
C ASP A 356 -6.34 -18.28 -12.17
N LEU A 357 -7.39 -18.13 -11.36
CA LEU A 357 -8.17 -19.28 -10.89
C LEU A 357 -8.92 -19.93 -12.04
N LEU A 358 -9.53 -19.11 -12.89
CA LEU A 358 -10.26 -19.59 -14.06
C LEU A 358 -9.33 -20.23 -15.11
N LYS A 359 -8.18 -19.59 -15.33
CA LYS A 359 -7.23 -20.06 -16.34
C LYS A 359 -6.51 -21.34 -15.94
N GLU A 360 -6.73 -21.78 -14.70
CA GLU A 360 -6.11 -23.01 -14.20
C GLU A 360 -7.14 -24.14 -14.15
N MET A 361 -8.40 -23.81 -14.43
CA MET A 361 -9.50 -24.79 -14.39
C MET A 361 -9.33 -26.02 -15.29
N PRO A 362 -9.05 -25.83 -16.60
CA PRO A 362 -9.01 -26.99 -17.50
C PRO A 362 -7.96 -28.04 -17.10
N ILE A 363 -6.81 -27.59 -16.58
CA ILE A 363 -5.77 -28.50 -16.10
C ILE A 363 -6.27 -29.30 -14.89
N ILE A 364 -7.07 -28.64 -14.07
CA ILE A 364 -7.67 -29.29 -12.90
C ILE A 364 -8.70 -30.32 -13.32
N ARG A 365 -9.41 -30.01 -14.40
CA ARG A 365 -10.43 -30.92 -14.94
C ARG A 365 -9.82 -32.19 -15.52
N GLU A 366 -8.78 -32.05 -16.32
CA GLU A 366 -8.15 -33.21 -16.97
C GLU A 366 -7.50 -34.16 -15.97
N ALA A 367 -6.93 -33.59 -14.90
CA ALA A 367 -6.29 -34.39 -13.87
C ALA A 367 -7.33 -35.17 -13.07
N TYR A 368 -8.51 -34.58 -12.91
CA TYR A 368 -9.62 -35.24 -12.23
C TYR A 368 -10.05 -36.49 -12.97
N TYR A 369 -10.00 -36.44 -14.30
CA TYR A 369 -10.40 -37.58 -15.11
C TYR A 369 -9.27 -38.60 -15.29
N ASN A 370 -8.03 -38.12 -15.24
CA ASN A 370 -6.88 -39.02 -15.23
C ASN A 370 -6.84 -39.85 -13.96
N ARG A 371 -7.46 -39.35 -12.90
CA ARG A 371 -7.59 -40.09 -11.65
C ARG A 371 -8.77 -41.07 -11.73
N LYS A 372 -9.77 -40.73 -12.55
CA LYS A 372 -10.88 -41.63 -12.80
C LYS A 372 -10.55 -42.52 -14.00
N LYS A 373 -9.61 -43.44 -13.80
CA LYS A 373 -9.13 -44.29 -14.88
C LYS A 373 -9.09 -45.76 -14.49
N SER B 1 25.01 -11.80 -7.00
CA SER B 1 26.12 -10.86 -6.80
C SER B 1 26.09 -10.31 -5.39
N MET B 2 26.93 -9.31 -5.12
CA MET B 2 26.97 -8.70 -3.80
C MET B 2 25.68 -7.93 -3.50
N ALA B 3 25.09 -8.16 -2.33
CA ALA B 3 23.84 -7.54 -1.94
C ALA B 3 23.92 -6.02 -1.94
N PRO B 4 22.96 -5.36 -2.60
CA PRO B 4 22.98 -3.90 -2.74
C PRO B 4 22.89 -3.20 -1.38
N SER B 5 23.61 -2.10 -1.24
CA SER B 5 23.62 -1.32 -0.02
C SER B 5 23.86 0.15 -0.31
N GLU B 6 23.95 0.94 0.74
CA GLU B 6 24.26 2.37 0.62
C GLU B 6 25.67 2.60 0.07
N LYS B 7 26.54 1.61 0.26
CA LYS B 7 27.93 1.69 -0.21
C LYS B 7 28.05 1.62 -1.72
N ASP B 8 26.98 1.21 -2.40
CA ASP B 8 26.96 1.14 -3.85
C ASP B 8 27.18 2.50 -4.48
N ILE B 9 26.38 3.47 -4.05
CA ILE B 9 26.47 4.82 -4.59
C ILE B 9 27.56 5.63 -3.89
N GLU B 10 28.36 6.34 -4.67
CA GLU B 10 29.39 7.20 -4.11
C GLU B 10 28.81 8.58 -3.81
N GLU B 11 29.08 9.07 -2.60
CA GLU B 11 28.66 10.42 -2.25
C GLU B 11 29.80 11.38 -2.54
N VAL B 12 29.47 12.46 -3.24
CA VAL B 12 30.45 13.50 -3.53
C VAL B 12 30.86 14.19 -2.24
N SER B 13 32.17 14.40 -2.06
CA SER B 13 32.67 15.16 -0.93
C SER B 13 33.07 16.56 -1.39
N VAL B 14 32.71 17.58 -0.60
CA VAL B 14 33.09 18.95 -0.91
C VAL B 14 34.61 19.11 -0.86
N PRO B 15 35.21 19.54 -1.98
CA PRO B 15 36.68 19.73 -2.04
C PRO B 15 37.10 20.94 -1.23
N GLY B 16 38.40 21.11 -1.05
CA GLY B 16 38.89 22.22 -0.25
C GLY B 16 38.71 21.96 1.24
N VAL B 17 39.14 22.92 2.06
CA VAL B 17 39.14 22.76 3.50
C VAL B 17 38.20 23.74 4.18
N LEU B 18 37.61 23.32 5.29
CA LEU B 18 36.78 24.20 6.11
C LEU B 18 37.53 25.48 6.47
N ALA B 19 36.88 26.62 6.24
CA ALA B 19 37.50 27.91 6.56
C ALA B 19 37.51 28.11 8.07
N PRO B 20 38.53 28.83 8.58
CA PRO B 20 38.60 29.15 10.01
C PRO B 20 37.36 29.91 10.49
N ARG B 21 37.05 29.82 11.77
CA ARG B 21 35.84 30.42 12.33
C ARG B 21 35.83 31.95 12.21
N ASP B 22 37.01 32.55 12.34
CA ASP B 22 37.12 34.01 12.24
C ASP B 22 37.03 34.47 10.78
N ASP B 23 37.40 33.59 9.86
CA ASP B 23 37.35 33.90 8.43
C ASP B 23 35.91 33.93 7.92
N VAL B 24 35.13 32.93 8.31
CA VAL B 24 33.72 32.86 7.91
C VAL B 24 32.93 34.02 8.50
N ARG B 25 33.41 34.55 9.62
CA ARG B 25 32.80 35.71 10.26
C ARG B 25 32.88 36.91 9.32
N VAL B 26 34.00 37.01 8.61
CA VAL B 26 34.21 38.08 7.64
C VAL B 26 33.33 37.88 6.41
N LEU B 27 33.36 36.68 5.85
CA LEU B 27 32.61 36.35 4.64
C LEU B 27 31.10 36.50 4.83
N LYS B 28 30.58 35.92 5.91
CA LYS B 28 29.16 36.04 6.26
C LYS B 28 28.71 37.50 6.34
N THR B 29 29.52 38.31 7.00
CA THR B 29 29.26 39.74 7.12
C THR B 29 29.33 40.41 5.75
N ARG B 30 30.36 40.07 4.98
CA ARG B 30 30.58 40.65 3.66
C ARG B 30 29.42 40.31 2.72
N ILE B 31 28.96 39.07 2.78
CA ILE B 31 27.83 38.61 1.96
C ILE B 31 26.54 39.33 2.36
N ALA B 32 26.35 39.52 3.67
CA ALA B 32 25.17 40.21 4.20
C ALA B 32 25.01 41.61 3.62
N LYS B 33 26.10 42.35 3.56
CA LYS B 33 26.09 43.71 3.01
C LYS B 33 25.74 43.72 1.52
N LEU B 34 26.31 42.77 0.79
CA LEU B 34 26.11 42.70 -0.66
C LEU B 34 24.66 42.40 -1.03
N LEU B 35 24.13 41.31 -0.48
CA LEU B 35 22.77 40.87 -0.82
C LEU B 35 21.69 41.67 -0.11
N GLY B 36 21.95 42.02 1.15
CA GLY B 36 20.96 42.67 1.98
C GLY B 36 20.19 41.65 2.79
N THR B 37 20.93 40.76 3.44
CA THR B 37 20.34 39.69 4.23
C THR B 37 20.97 39.59 5.63
N SER B 38 20.48 38.65 6.42
CA SER B 38 21.07 38.38 7.73
C SER B 38 22.34 37.56 7.58
N PRO B 39 23.40 37.95 8.31
CA PRO B 39 24.75 37.36 8.22
C PRO B 39 24.78 35.84 8.34
N ASP B 40 24.04 35.31 9.30
CA ASP B 40 24.05 33.88 9.56
C ASP B 40 22.88 33.18 8.87
N THR B 41 22.26 33.88 7.94
CA THR B 41 21.13 33.33 7.19
C THR B 41 21.53 32.88 5.78
N PHE B 42 21.29 31.61 5.48
CA PHE B 42 21.54 31.08 4.14
C PHE B 42 20.61 31.75 3.14
N PRO B 43 21.19 32.41 2.12
CA PRO B 43 20.44 33.19 1.14
C PRO B 43 19.91 32.35 -0.01
N GLY B 44 20.21 31.06 0.00
CA GLY B 44 19.76 30.18 -1.07
C GLY B 44 18.26 29.93 -1.05
N SER B 45 17.69 29.72 -2.23
CA SER B 45 16.29 29.39 -2.36
C SER B 45 16.07 27.90 -2.09
N GLN B 46 14.98 27.58 -1.39
CA GLN B 46 14.61 26.19 -1.19
C GLN B 46 13.27 25.90 -1.86
N PRO B 47 13.21 24.84 -2.66
CA PRO B 47 12.01 24.52 -3.44
C PRO B 47 10.92 23.87 -2.59
N VAL B 48 9.72 23.77 -3.16
CA VAL B 48 8.60 23.08 -2.51
C VAL B 48 8.19 21.88 -3.35
N SER B 49 7.56 20.89 -2.73
CA SER B 49 7.15 19.69 -3.46
C SER B 49 6.05 19.97 -4.47
N PHE B 50 6.15 19.35 -5.64
CA PHE B 50 5.16 19.52 -6.70
C PHE B 50 3.82 18.91 -6.28
N SER B 51 2.78 19.74 -6.18
CA SER B 51 1.45 19.29 -5.80
C SER B 51 0.48 19.30 -6.98
N LYS B 52 -0.74 18.87 -6.73
CA LYS B 52 -1.79 18.83 -7.75
C LYS B 52 -2.15 20.23 -8.22
N LYS B 53 -1.94 21.22 -7.35
CA LYS B 53 -2.26 22.61 -7.67
C LYS B 53 -1.26 23.20 -8.66
N HIS B 54 -0.09 22.59 -8.75
CA HIS B 54 1.01 23.15 -9.56
C HIS B 54 0.86 22.84 -11.05
N LEU B 55 -0.09 22.00 -11.40
CA LEU B 55 -0.47 21.85 -12.80
C LEU B 55 -0.96 23.21 -13.30
N GLN B 56 -1.78 23.85 -12.48
CA GLN B 56 -2.32 25.18 -12.79
C GLN B 56 -1.22 26.24 -12.78
N ALA B 57 -0.25 26.08 -11.89
CA ALA B 57 0.86 27.04 -11.79
C ALA B 57 1.69 27.09 -13.05
N LEU B 58 1.86 25.94 -13.70
CA LEU B 58 2.62 25.85 -14.93
C LEU B 58 1.85 26.42 -16.12
N LYS B 59 0.58 26.75 -15.89
CA LYS B 59 -0.28 27.26 -16.95
C LYS B 59 -0.36 28.78 -16.95
N GLU B 60 -0.09 29.37 -15.79
CA GLU B 60 -0.24 30.81 -15.61
C GLU B 60 1.08 31.58 -15.75
N LYS B 61 2.19 30.88 -15.56
CA LYS B 61 3.50 31.53 -15.60
C LYS B 61 4.54 30.72 -16.37
N ASN B 62 5.50 31.41 -16.95
CA ASN B 62 6.57 30.77 -17.71
C ASN B 62 7.55 30.04 -16.80
N TYR B 63 7.93 28.84 -17.22
CA TYR B 63 8.81 28.00 -16.40
C TYR B 63 9.94 27.37 -17.21
N PHE B 64 11.10 27.25 -16.58
CA PHE B 64 12.14 26.38 -17.10
C PHE B 64 12.11 25.09 -16.29
N VAL B 65 12.63 24.02 -16.88
CA VAL B 65 12.72 22.76 -16.16
C VAL B 65 14.08 22.11 -16.40
N CYS B 66 14.60 21.45 -15.36
CA CYS B 66 15.88 20.76 -15.48
C CYS B 66 15.87 19.49 -14.65
N GLU B 67 16.79 18.59 -14.95
CA GLU B 67 16.96 17.38 -14.15
C GLU B 67 17.45 17.73 -12.75
N LYS B 68 16.85 17.10 -11.74
CA LYS B 68 17.25 17.30 -10.35
C LYS B 68 18.39 16.33 -10.04
N SER B 69 19.60 16.85 -9.93
CA SER B 69 20.79 16.01 -9.79
C SER B 69 21.03 15.54 -8.36
N ASP B 70 21.57 14.34 -8.22
CA ASP B 70 22.10 13.87 -6.95
C ASP B 70 23.40 14.61 -6.71
N GLY B 71 23.57 15.16 -5.51
CA GLY B 71 24.78 15.89 -5.18
C GLY B 71 24.59 16.85 -4.03
N ILE B 72 25.50 17.82 -3.92
CA ILE B 72 25.45 18.78 -2.84
C ILE B 72 25.14 20.18 -3.37
N ARG B 73 24.02 20.75 -2.95
CA ARG B 73 23.68 22.12 -3.29
C ARG B 73 24.60 23.04 -2.50
N CYS B 74 25.27 23.94 -3.20
CA CYS B 74 26.13 24.92 -2.54
C CYS B 74 26.22 26.21 -3.35
N LEU B 75 26.49 27.31 -2.65
CA LEU B 75 26.72 28.58 -3.32
C LEU B 75 28.22 28.74 -3.58
N LEU B 76 28.57 29.39 -4.69
CA LEU B 76 29.96 29.65 -5.02
C LEU B 76 30.25 31.14 -4.87
N TYR B 77 31.21 31.47 -4.01
CA TYR B 77 31.51 32.87 -3.71
C TYR B 77 32.92 33.27 -4.12
N MET B 78 33.01 34.18 -5.08
CA MET B 78 34.29 34.72 -5.51
C MET B 78 34.57 36.04 -4.81
N THR B 79 35.68 36.09 -4.08
CA THR B 79 36.03 37.29 -3.33
C THR B 79 37.52 37.32 -3.04
N GLU B 80 37.94 38.24 -2.18
CA GLU B 80 39.33 38.34 -1.78
C GLU B 80 39.55 37.66 -0.44
N HIS B 81 40.73 37.06 -0.26
CA HIS B 81 41.06 36.38 0.98
C HIS B 81 40.96 37.34 2.15
N PRO B 82 40.32 36.91 3.24
CA PRO B 82 40.11 37.73 4.44
C PRO B 82 41.40 38.21 5.11
N ARG B 83 42.44 37.38 5.06
CA ARG B 83 43.72 37.71 5.70
C ARG B 83 44.76 38.18 4.70
N TYR B 84 44.42 38.11 3.42
CA TYR B 84 45.29 38.59 2.35
C TYR B 84 44.46 39.41 1.36
N GLU B 85 44.56 40.74 1.46
CA GLU B 85 43.70 41.64 0.70
C GLU B 85 43.99 41.68 -0.81
N ASN B 86 45.05 40.98 -1.21
CA ASN B 86 45.47 40.99 -2.61
C ASN B 86 45.08 39.71 -3.37
N ARG B 87 44.79 38.65 -2.62
CA ARG B 87 44.58 37.33 -3.20
C ARG B 87 43.11 36.98 -3.43
N PRO B 88 42.77 36.56 -4.66
CA PRO B 88 41.43 36.10 -5.01
C PRO B 88 41.14 34.78 -4.31
N SER B 89 39.95 34.65 -3.72
CA SER B 89 39.58 33.43 -3.04
C SER B 89 38.21 32.91 -3.50
N VAL B 90 38.07 31.60 -3.54
CA VAL B 90 36.81 30.98 -3.92
C VAL B 90 36.31 30.11 -2.77
N TYR B 91 35.04 30.29 -2.40
CA TYR B 91 34.46 29.51 -1.31
C TYR B 91 33.18 28.81 -1.75
N LEU B 92 32.99 27.60 -1.24
CA LEU B 92 31.74 26.89 -1.39
C LEU B 92 31.08 26.81 -0.01
N PHE B 93 29.78 27.05 0.06
CA PHE B 93 29.07 26.87 1.33
C PHE B 93 27.66 26.34 1.15
N ASP B 94 27.27 25.42 2.05
CA ASP B 94 25.96 24.79 1.99
C ASP B 94 24.96 25.49 2.91
N ARG B 95 23.78 24.90 3.06
CA ARG B 95 22.71 25.52 3.86
C ARG B 95 23.01 25.49 5.36
N LYS B 96 24.00 24.70 5.75
CA LYS B 96 24.48 24.71 7.13
C LYS B 96 25.54 25.78 7.31
N MET B 97 25.74 26.57 6.25
CA MET B 97 26.70 27.67 6.25
C MET B 97 28.12 27.23 6.57
N ASN B 98 28.48 26.03 6.13
CA ASN B 98 29.86 25.56 6.24
C ASN B 98 30.69 26.03 5.05
N PHE B 99 31.60 26.97 5.33
CA PHE B 99 32.42 27.56 4.26
C PHE B 99 33.69 26.75 3.99
N TYR B 100 33.83 26.27 2.76
CA TYR B 100 35.00 25.53 2.34
C TYR B 100 35.85 26.38 1.40
N HIS B 101 37.13 26.48 1.71
CA HIS B 101 38.06 27.23 0.86
C HIS B 101 38.53 26.36 -0.30
N VAL B 102 38.24 26.77 -1.52
CA VAL B 102 38.63 26.02 -2.71
C VAL B 102 39.86 26.64 -3.36
N GLU B 103 40.99 25.94 -3.28
CA GLU B 103 42.22 26.39 -3.94
C GLU B 103 42.41 25.70 -5.27
N LYS B 104 43.37 26.19 -6.05
CA LYS B 104 43.71 25.64 -7.35
C LYS B 104 42.57 25.75 -8.36
N ILE B 105 41.68 26.71 -8.10
CA ILE B 105 40.62 27.05 -9.03
C ILE B 105 40.58 28.56 -9.24
N PHE B 106 40.20 29.00 -10.44
CA PHE B 106 40.03 30.42 -10.70
C PHE B 106 39.08 30.69 -11.85
N TYR B 107 38.50 31.88 -11.84
CA TYR B 107 37.56 32.27 -12.88
C TYR B 107 38.04 33.52 -13.62
N PRO B 108 38.41 33.34 -14.89
CA PRO B 108 38.99 34.40 -15.74
C PRO B 108 37.99 35.52 -16.02
N VAL B 109 38.52 36.71 -16.29
CA VAL B 109 37.71 37.86 -16.68
C VAL B 109 37.80 38.01 -18.20
N GLU B 110 36.69 38.33 -18.85
CA GLU B 110 36.64 38.42 -20.30
C GLU B 110 37.67 39.39 -20.89
N ASN B 111 38.23 39.02 -22.05
CA ASN B 111 39.22 39.84 -22.77
C ASN B 111 40.55 40.04 -22.01
N ASP B 112 40.75 39.29 -20.94
CA ASP B 112 42.02 39.30 -20.22
C ASP B 112 42.88 38.12 -20.62
N LYS B 113 43.96 38.39 -21.34
CA LYS B 113 44.85 37.35 -21.85
C LYS B 113 45.81 36.81 -20.78
N SER B 114 46.03 37.61 -19.74
CA SER B 114 46.94 37.22 -18.66
C SER B 114 46.33 36.18 -17.72
N GLY B 115 45.03 36.32 -17.46
CA GLY B 115 44.34 35.43 -16.56
C GLY B 115 44.64 35.76 -15.11
N LYS B 116 45.08 36.99 -14.87
CA LYS B 116 45.43 37.43 -13.52
C LYS B 116 44.38 38.36 -12.93
N LYS B 117 43.55 38.92 -13.80
CA LYS B 117 42.40 39.69 -13.35
C LYS B 117 41.35 38.71 -12.83
N TYR B 118 40.65 39.10 -11.77
CA TYR B 118 39.71 38.19 -11.12
C TYR B 118 38.38 38.83 -10.77
N HIS B 119 37.40 37.99 -10.45
CA HIS B 119 36.08 38.47 -10.05
C HIS B 119 36.01 38.59 -8.52
N VAL B 120 35.28 39.60 -8.05
CA VAL B 120 34.99 39.74 -6.63
C VAL B 120 33.52 40.04 -6.47
N ASP B 121 32.98 39.82 -5.27
CA ASP B 121 31.57 40.01 -4.99
C ASP B 121 30.71 39.31 -6.05
N THR B 122 31.05 38.05 -6.30
CA THR B 122 30.32 37.23 -7.25
C THR B 122 29.78 35.99 -6.55
N LEU B 123 28.47 35.78 -6.66
CA LEU B 123 27.81 34.71 -5.91
C LEU B 123 26.94 33.86 -6.82
N LEU B 124 27.30 32.59 -6.95
CA LEU B 124 26.57 31.68 -7.83
C LEU B 124 25.78 30.65 -7.04
N ASP B 125 24.73 30.13 -7.66
CA ASP B 125 23.95 29.05 -7.09
C ASP B 125 24.05 27.84 -8.03
N GLY B 126 24.42 26.70 -7.48
CA GLY B 126 24.55 25.50 -8.28
C GLY B 126 24.64 24.23 -7.45
N GLU B 127 24.86 23.11 -8.12
CA GLU B 127 25.05 21.86 -7.41
C GLU B 127 26.35 21.16 -7.78
N LEU B 128 26.99 20.60 -6.77
CA LEU B 128 28.22 19.84 -6.97
C LEU B 128 27.87 18.38 -7.24
N VAL B 129 28.14 17.91 -8.46
CA VAL B 129 27.84 16.53 -8.82
C VAL B 129 29.11 15.75 -9.14
N LEU B 130 29.00 14.43 -9.20
CA LEU B 130 30.13 13.56 -9.51
C LEU B 130 29.80 12.64 -10.68
N ASP B 131 30.39 12.92 -11.84
CA ASP B 131 30.16 12.09 -13.02
C ASP B 131 31.04 10.84 -13.01
N ILE B 132 30.52 9.76 -13.56
CA ILE B 132 31.27 8.50 -13.63
C ILE B 132 31.48 8.06 -15.07
N TYR B 133 32.73 7.97 -15.48
CA TYR B 133 33.09 7.54 -16.83
C TYR B 133 33.53 6.08 -16.79
N PRO B 134 33.50 5.40 -17.96
CA PRO B 134 34.02 4.03 -18.07
C PRO B 134 35.46 3.93 -17.57
N GLY B 135 35.79 2.82 -16.93
CA GLY B 135 37.15 2.61 -16.42
C GLY B 135 37.31 3.06 -14.98
N GLY B 136 36.40 3.91 -14.51
CA GLY B 136 36.48 4.43 -13.15
C GLY B 136 36.98 5.85 -13.11
N LYS B 137 36.79 6.59 -14.21
CA LYS B 137 37.20 7.98 -14.27
C LYS B 137 36.14 8.87 -13.64
N LYS B 138 36.48 9.50 -12.53
CA LYS B 138 35.54 10.36 -11.82
C LYS B 138 35.80 11.84 -12.11
N GLN B 139 34.77 12.55 -12.56
CA GLN B 139 34.90 13.98 -12.82
C GLN B 139 33.94 14.79 -11.96
N LEU B 140 34.48 15.49 -10.98
CA LEU B 140 33.69 16.40 -10.16
C LEU B 140 33.22 17.55 -11.03
N ARG B 141 31.96 17.96 -10.87
CA ARG B 141 31.40 18.98 -11.73
C ARG B 141 30.46 19.90 -10.95
N TYR B 142 30.56 21.19 -11.22
CA TYR B 142 29.69 22.16 -10.56
C TYR B 142 28.68 22.70 -11.56
N LEU B 143 27.44 22.24 -11.44
CA LEU B 143 26.38 22.65 -12.35
C LEU B 143 25.69 23.91 -11.83
N VAL B 144 25.93 25.03 -12.50
CA VAL B 144 25.37 26.33 -12.12
C VAL B 144 23.95 26.49 -12.63
N PHE B 145 23.01 26.80 -11.74
CA PHE B 145 21.63 27.03 -12.16
C PHE B 145 21.05 28.41 -11.80
N ASP B 146 21.82 29.22 -11.09
CA ASP B 146 21.38 30.59 -10.79
C ASP B 146 22.54 31.51 -10.40
N CYS B 147 22.29 32.81 -10.50
CA CYS B 147 23.29 33.82 -10.13
C CYS B 147 22.66 34.89 -9.25
N LEU B 148 23.17 35.02 -8.03
CA LEU B 148 22.63 35.98 -7.07
C LEU B 148 23.32 37.33 -7.20
N ALA B 149 24.64 37.31 -7.42
CA ALA B 149 25.43 38.51 -7.62
C ALA B 149 26.55 38.25 -8.62
N CYS B 150 26.84 39.24 -9.46
CA CYS B 150 27.90 39.11 -10.44
C CYS B 150 28.67 40.43 -10.55
N ASP B 151 29.94 40.39 -10.15
CA ASP B 151 30.82 41.56 -10.17
C ASP B 151 30.30 42.73 -9.34
N GLY B 152 29.85 42.43 -8.13
CA GLY B 152 29.37 43.45 -7.21
C GLY B 152 27.96 43.94 -7.53
N ILE B 153 27.37 43.41 -8.59
CA ILE B 153 26.01 43.79 -8.97
C ILE B 153 25.00 42.69 -8.60
N VAL B 154 24.07 43.03 -7.72
CA VAL B 154 23.04 42.11 -7.28
C VAL B 154 22.01 41.86 -8.38
N TYR B 155 21.72 40.59 -8.65
CA TYR B 155 20.78 40.21 -9.71
C TYR B 155 19.54 39.52 -9.14
N MET B 156 19.47 39.40 -7.82
CA MET B 156 18.36 38.76 -7.15
C MET B 156 17.00 39.39 -7.47
N SER B 157 17.02 40.66 -7.85
CA SER B 157 15.79 41.38 -8.18
C SER B 157 15.39 41.16 -9.64
N ARG B 158 16.37 40.81 -10.48
CA ARG B 158 16.11 40.54 -11.89
C ARG B 158 15.44 39.19 -12.06
N LEU B 159 14.95 38.92 -13.26
CA LEU B 159 14.34 37.62 -13.56
C LEU B 159 15.40 36.56 -13.88
N LEU B 160 14.95 35.31 -14.03
CA LEU B 160 15.86 34.17 -14.22
C LEU B 160 16.74 34.29 -15.45
N ASP B 161 16.16 34.70 -16.57
CA ASP B 161 16.89 34.76 -17.84
C ASP B 161 18.00 35.81 -17.84
N LYS B 162 17.83 36.86 -17.04
CA LYS B 162 18.86 37.88 -16.90
C LYS B 162 19.89 37.43 -15.85
N ARG B 163 19.44 36.60 -14.92
CA ARG B 163 20.32 36.06 -13.89
C ARG B 163 21.28 35.02 -14.48
N LEU B 164 20.75 34.14 -15.31
CA LEU B 164 21.56 33.16 -16.00
C LEU B 164 22.34 33.82 -17.14
N GLY B 165 21.79 34.92 -17.66
CA GLY B 165 22.43 35.65 -18.74
C GLY B 165 23.77 36.25 -18.32
N ILE B 166 23.77 36.94 -17.18
CA ILE B 166 24.99 37.57 -16.70
C ILE B 166 26.07 36.54 -16.33
N PHE B 167 25.64 35.34 -15.91
CA PHE B 167 26.60 34.29 -15.61
C PHE B 167 27.23 33.76 -16.88
N ALA B 168 26.40 33.52 -17.88
CA ALA B 168 26.85 32.96 -19.15
C ALA B 168 27.89 33.83 -19.83
N LYS B 169 27.65 35.14 -19.87
CA LYS B 169 28.53 36.06 -20.59
C LYS B 169 29.76 36.48 -19.79
N SER B 170 29.58 36.72 -18.49
CA SER B 170 30.64 37.28 -17.66
C SER B 170 31.52 36.24 -16.96
N ILE B 171 31.05 35.00 -16.88
CA ILE B 171 31.79 33.95 -16.18
C ILE B 171 32.02 32.68 -16.99
N GLN B 172 30.96 32.12 -17.55
CA GLN B 172 31.08 30.87 -18.32
C GLN B 172 31.83 31.07 -19.64
N LYS B 173 31.43 32.07 -20.41
CA LYS B 173 32.08 32.35 -21.70
C LYS B 173 33.59 32.61 -21.60
N PRO B 174 34.04 33.45 -20.65
CA PRO B 174 35.50 33.61 -20.51
C PRO B 174 36.17 32.35 -20.01
N LEU B 175 35.46 31.55 -19.22
CA LEU B 175 36.02 30.29 -18.72
C LEU B 175 36.14 29.27 -19.84
N ASP B 176 35.16 29.27 -20.74
CA ASP B 176 35.19 28.38 -21.90
C ASP B 176 36.35 28.74 -22.84
N GLU B 177 36.53 30.04 -23.08
CA GLU B 177 37.59 30.51 -23.96
C GLU B 177 38.98 30.27 -23.39
N TYR B 178 39.14 30.45 -22.08
CA TYR B 178 40.42 30.26 -21.42
C TYR B 178 40.81 28.78 -21.35
N THR B 179 39.83 27.93 -21.08
CA THR B 179 40.05 26.49 -21.04
C THR B 179 40.42 25.98 -22.44
N LYS B 180 39.91 26.68 -23.45
CA LYS B 180 40.13 26.30 -24.84
C LYS B 180 41.59 26.45 -25.27
N THR B 181 42.30 27.41 -24.68
CA THR B 181 43.68 27.70 -25.09
C THR B 181 44.72 27.45 -24.00
N HIS B 182 44.26 27.23 -22.77
CA HIS B 182 45.15 26.95 -21.66
C HIS B 182 44.71 25.70 -20.91
N MET B 183 44.47 24.63 -21.66
CA MET B 183 43.95 23.38 -21.15
C MET B 183 44.74 22.83 -19.96
N ARG B 184 46.05 23.05 -19.98
CA ARG B 184 46.91 22.56 -18.90
C ARG B 184 46.62 23.20 -17.55
N GLU B 185 46.45 24.52 -17.54
CA GLU B 185 46.16 25.25 -16.29
C GLU B 185 44.81 24.85 -15.68
N THR B 186 43.88 24.42 -16.53
CA THR B 186 42.52 24.11 -16.11
C THR B 186 42.35 22.66 -15.65
N ALA B 187 43.38 21.84 -15.89
CA ALA B 187 43.34 20.44 -15.50
C ALA B 187 43.69 20.25 -14.02
N ILE B 188 44.04 21.34 -13.36
CA ILE B 188 44.33 21.32 -11.93
C ILE B 188 43.06 21.64 -11.14
N PHE B 189 42.01 22.05 -11.83
CA PHE B 189 40.73 22.38 -11.20
C PHE B 189 40.16 21.19 -10.45
N PRO B 190 39.76 21.41 -9.20
CA PRO B 190 39.10 20.35 -8.40
C PRO B 190 37.81 19.91 -9.06
N PHE B 191 37.16 20.83 -9.79
CA PHE B 191 35.95 20.53 -10.52
C PHE B 191 35.77 21.42 -11.76
N LEU B 192 35.01 20.92 -12.73
CA LEU B 192 34.67 21.72 -13.91
C LEU B 192 33.35 22.46 -13.67
N THR B 193 33.28 23.70 -14.15
CA THR B 193 32.08 24.52 -13.99
C THR B 193 31.35 24.66 -15.32
N SER B 194 30.04 24.49 -15.31
CA SER B 194 29.24 24.64 -16.52
C SER B 194 27.81 25.06 -16.21
N LEU B 195 27.09 25.51 -17.24
CA LEU B 195 25.71 25.91 -17.08
C LEU B 195 24.81 24.67 -17.08
N LYS B 196 23.96 24.56 -16.07
CA LYS B 196 22.97 23.48 -15.99
C LYS B 196 22.10 23.51 -17.24
N LYS B 197 21.86 22.35 -17.84
CA LYS B 197 21.03 22.27 -19.03
C LYS B 197 19.54 22.37 -18.69
N MET B 198 18.92 23.47 -19.10
CA MET B 198 17.52 23.70 -18.82
C MET B 198 16.69 23.66 -20.09
N GLU B 199 15.46 23.16 -19.97
CA GLU B 199 14.52 23.15 -21.08
C GLU B 199 13.32 24.02 -20.73
N LEU B 200 12.44 24.26 -21.70
CA LEU B 200 11.21 24.99 -21.45
C LEU B 200 10.28 24.15 -20.58
N GLY B 201 9.34 24.80 -19.90
CA GLY B 201 8.47 24.12 -18.96
C GLY B 201 7.69 22.95 -19.53
N HIS B 202 7.47 22.97 -20.84
CA HIS B 202 6.71 21.91 -21.51
C HIS B 202 7.61 20.90 -22.23
N GLY B 203 8.91 20.98 -21.98
CA GLY B 203 9.86 20.08 -22.63
C GLY B 203 10.24 18.90 -21.77
N ILE B 204 9.34 18.48 -20.89
CA ILE B 204 9.54 17.35 -19.99
C ILE B 204 9.87 16.07 -20.75
N LEU B 205 9.15 15.83 -21.84
CA LEU B 205 9.36 14.67 -22.69
C LEU B 205 10.81 14.55 -23.12
N LYS B 206 11.41 15.68 -23.46
CA LYS B 206 12.79 15.74 -23.94
C LYS B 206 13.80 15.31 -22.87
N LEU B 207 13.62 15.82 -21.66
CA LEU B 207 14.51 15.48 -20.54
C LEU B 207 14.49 13.99 -20.23
N PHE B 208 13.30 13.40 -20.32
CA PHE B 208 13.12 11.98 -20.03
C PHE B 208 13.73 11.08 -21.10
N ASN B 209 13.79 11.58 -22.33
CA ASN B 209 14.19 10.76 -23.47
C ASN B 209 15.55 11.09 -24.07
N GLU B 210 15.94 12.36 -24.03
CA GLU B 210 17.18 12.78 -24.66
C GLU B 210 18.31 13.13 -23.68
N VAL B 211 17.95 13.54 -22.47
CA VAL B 211 18.95 14.04 -21.52
C VAL B 211 19.25 13.08 -20.37
N ILE B 212 18.23 12.81 -19.54
CA ILE B 212 18.41 11.99 -18.33
C ILE B 212 19.13 10.63 -18.50
N PRO B 213 18.77 9.84 -19.52
CA PRO B 213 19.47 8.55 -19.62
C PRO B 213 20.94 8.69 -20.03
N ARG B 214 21.30 9.82 -20.62
CA ARG B 214 22.69 10.08 -21.00
C ARG B 214 23.50 10.69 -19.86
N LEU B 215 22.86 10.87 -18.71
CA LEU B 215 23.52 11.43 -17.54
C LEU B 215 24.51 10.44 -16.94
N ARG B 216 25.66 10.94 -16.50
CA ARG B 216 26.70 10.11 -15.92
C ARG B 216 26.65 10.18 -14.40
N HIS B 217 25.63 10.85 -13.88
CA HIS B 217 25.42 10.94 -12.44
C HIS B 217 23.97 10.66 -12.09
N GLY B 218 23.70 10.49 -10.80
CA GLY B 218 22.36 10.16 -10.34
C GLY B 218 21.36 11.29 -10.51
N ASN B 219 20.14 10.93 -10.88
CA ASN B 219 19.03 11.87 -10.96
C ASN B 219 17.95 11.51 -9.94
N ASP B 220 17.33 12.52 -9.32
CA ASP B 220 16.21 12.27 -8.42
C ASP B 220 14.98 13.12 -8.76
N GLY B 221 14.74 13.32 -10.06
CA GLY B 221 13.54 13.99 -10.51
C GLY B 221 13.75 15.24 -11.35
N LEU B 222 12.90 16.23 -11.14
CA LEU B 222 12.92 17.46 -11.93
C LEU B 222 12.78 18.70 -11.04
N ILE B 223 13.36 19.80 -11.49
CA ILE B 223 13.17 21.08 -10.81
C ILE B 223 12.55 22.08 -11.79
N PHE B 224 11.44 22.68 -11.38
CA PHE B 224 10.81 23.73 -12.17
C PHE B 224 11.16 25.09 -11.58
N THR B 225 11.80 25.94 -12.39
CA THR B 225 12.17 27.28 -11.94
C THR B 225 11.34 28.31 -12.71
N CYS B 226 10.61 29.14 -11.97
CA CYS B 226 9.78 30.17 -12.58
C CYS B 226 10.64 31.29 -13.14
N THR B 227 10.32 31.72 -14.36
CA THR B 227 11.11 32.74 -15.06
C THR B 227 10.46 34.12 -15.00
N GLU B 228 9.48 34.28 -14.12
CA GLU B 228 8.77 35.55 -13.99
C GLU B 228 8.85 36.11 -12.58
N THR B 229 9.62 35.45 -11.73
CA THR B 229 9.74 35.85 -10.33
C THR B 229 11.18 36.21 -9.96
N PRO B 230 11.34 37.12 -8.99
CA PRO B 230 12.68 37.42 -8.45
C PRO B 230 13.24 36.22 -7.71
N TYR B 231 14.55 36.20 -7.47
CA TYR B 231 15.16 35.17 -6.66
C TYR B 231 14.77 35.38 -5.20
N VAL B 232 14.30 34.32 -4.55
CA VAL B 232 13.82 34.40 -3.18
C VAL B 232 14.69 33.58 -2.22
N SER B 233 15.22 34.23 -1.20
CA SER B 233 15.95 33.51 -0.15
C SER B 233 14.96 32.65 0.65
N GLY B 234 15.43 31.51 1.16
CA GLY B 234 14.56 30.61 1.88
C GLY B 234 13.56 29.90 0.99
N THR B 235 12.42 29.52 1.54
CA THR B 235 11.43 28.74 0.81
C THR B 235 10.71 29.56 -0.27
N ASP B 236 10.79 29.06 -1.51
CA ASP B 236 10.16 29.72 -2.66
C ASP B 236 8.96 28.91 -3.13
N GLN B 237 7.81 29.57 -3.24
CA GLN B 237 6.58 28.91 -3.68
C GLN B 237 6.58 28.68 -5.18
N SER B 238 7.47 29.39 -5.90
CA SER B 238 7.56 29.26 -7.34
C SER B 238 8.56 28.17 -7.77
N LEU B 239 9.47 27.82 -6.88
CA LEU B 239 10.47 26.80 -7.17
C LEU B 239 9.93 25.40 -6.88
N LEU B 240 9.62 24.65 -7.93
CA LEU B 240 8.94 23.37 -7.78
C LEU B 240 9.87 22.16 -7.91
N LYS B 241 9.73 21.23 -6.97
CA LYS B 241 10.56 20.03 -6.93
C LYS B 241 9.68 18.80 -7.17
N TRP B 242 9.99 18.04 -8.22
CA TRP B 242 9.15 16.91 -8.62
C TRP B 242 9.89 15.57 -8.60
N LYS B 243 9.27 14.57 -7.97
CA LYS B 243 9.80 13.21 -7.96
C LYS B 243 8.80 12.26 -8.55
N PRO B 244 9.27 11.30 -9.37
CA PRO B 244 8.40 10.19 -9.76
C PRO B 244 8.14 9.33 -8.53
N LYS B 245 7.07 8.55 -8.54
CA LYS B 245 6.67 7.77 -7.35
C LYS B 245 7.76 6.81 -6.89
N GLU B 246 8.43 6.18 -7.85
CA GLU B 246 9.43 5.15 -7.56
C GLU B 246 10.68 5.69 -6.85
N MET B 247 10.82 7.01 -6.77
CA MET B 247 11.98 7.60 -6.12
C MET B 247 11.64 8.11 -4.73
N ASN B 248 10.37 7.97 -4.35
CA ASN B 248 9.97 8.21 -2.98
C ASN B 248 10.17 6.94 -2.16
N THR B 249 11.32 6.83 -1.51
CA THR B 249 11.68 5.60 -0.80
C THR B 249 11.49 5.72 0.70
N ILE B 250 11.29 4.57 1.36
CA ILE B 250 11.16 4.52 2.81
C ILE B 250 12.06 3.42 3.39
N ASP B 251 12.63 3.68 4.55
CA ASP B 251 13.42 2.67 5.24
C ASP B 251 12.55 1.87 6.19
N PHE B 252 12.53 0.55 6.01
CA PHE B 252 11.73 -0.34 6.86
C PHE B 252 12.59 -1.34 7.60
N MET B 253 12.05 -1.89 8.69
CA MET B 253 12.65 -3.05 9.32
C MET B 253 12.06 -4.29 8.65
N LEU B 254 12.90 -5.02 7.91
CA LEU B 254 12.45 -6.23 7.23
C LEU B 254 12.47 -7.43 8.18
N LYS B 255 11.42 -8.24 8.10
CA LYS B 255 11.34 -9.45 8.90
C LYS B 255 10.71 -10.58 8.10
N LEU B 256 11.43 -11.69 7.96
CA LEU B 256 10.91 -12.83 7.21
C LEU B 256 10.06 -13.75 8.09
N GLU B 257 8.98 -14.26 7.53
CA GLU B 257 8.09 -15.17 8.24
C GLU B 257 7.85 -16.41 7.41
N PHE B 258 8.22 -17.57 7.93
CA PHE B 258 8.00 -18.80 7.21
C PHE B 258 6.81 -19.56 7.80
N ALA B 259 6.00 -20.15 6.92
CA ALA B 259 4.81 -20.88 7.35
C ALA B 259 5.20 -22.21 7.97
N GLN B 260 4.70 -22.46 9.18
CA GLN B 260 4.96 -23.73 9.86
C GLN B 260 3.96 -24.80 9.40
N PRO B 261 4.46 -25.82 8.69
CA PRO B 261 3.59 -26.89 8.18
C PRO B 261 3.30 -27.94 9.24
N GLU B 262 2.22 -28.68 9.07
CA GLU B 262 1.90 -29.76 10.01
C GLU B 262 2.76 -30.98 9.75
N GLU B 263 3.07 -31.22 8.47
CA GLU B 263 3.89 -32.35 8.07
C GLU B 263 5.35 -31.94 7.91
N GLY B 264 6.25 -32.76 8.44
CA GLY B 264 7.68 -32.53 8.31
C GLY B 264 8.10 -31.17 8.84
N ASP B 265 9.13 -30.60 8.22
CA ASP B 265 9.66 -29.32 8.68
C ASP B 265 9.56 -28.23 7.62
N ILE B 266 9.98 -27.02 8.01
CA ILE B 266 9.86 -25.84 7.16
C ILE B 266 10.72 -25.92 5.90
N ASP B 267 10.09 -25.65 4.75
CA ASP B 267 10.81 -25.54 3.50
C ASP B 267 11.34 -24.11 3.34
N TYR B 268 12.57 -23.88 3.78
CA TYR B 268 13.17 -22.54 3.75
C TYR B 268 13.46 -22.04 2.34
N SER B 269 13.41 -22.93 1.36
CA SER B 269 13.60 -22.54 -0.04
C SER B 269 12.37 -21.79 -0.56
N ALA B 270 11.21 -22.12 -0.01
CA ALA B 270 9.96 -21.53 -0.46
C ALA B 270 9.82 -20.08 0.00
N MET B 271 9.12 -19.28 -0.79
CA MET B 271 8.95 -17.87 -0.49
C MET B 271 8.18 -17.64 0.81
N PRO B 272 8.76 -16.85 1.72
CA PRO B 272 8.14 -16.49 2.99
C PRO B 272 7.32 -15.22 2.85
N GLU B 273 6.77 -14.72 3.95
CA GLU B 273 6.15 -13.40 3.95
C GLU B 273 7.21 -12.37 4.32
N PHE B 274 7.24 -11.26 3.61
CA PHE B 274 8.21 -10.21 3.89
C PHE B 274 7.56 -9.04 4.64
N GLN B 275 7.67 -9.06 5.97
CA GLN B 275 7.07 -8.03 6.80
C GLN B 275 7.89 -6.75 6.80
N LEU B 276 7.24 -5.65 6.47
CA LEU B 276 7.86 -4.34 6.59
C LEU B 276 7.38 -3.70 7.89
N GLY B 277 8.32 -3.37 8.77
CA GLY B 277 8.00 -2.77 10.05
C GLY B 277 8.39 -1.31 10.10
N VAL B 278 7.61 -0.52 10.82
CA VAL B 278 7.86 0.91 10.92
C VAL B 278 8.28 1.28 12.35
N TRP B 279 9.18 2.25 12.46
CA TRP B 279 9.70 2.66 13.76
C TRP B 279 8.77 3.67 14.45
N GLU B 280 8.31 3.32 15.65
CA GLU B 280 7.41 4.19 16.42
C GLU B 280 8.11 4.78 17.65
N GLY B 281 9.42 4.94 17.58
CA GLY B 281 10.19 5.41 18.72
C GLY B 281 10.48 4.29 19.70
N ARG B 282 11.45 4.50 20.60
CA ARG B 282 11.88 3.48 21.55
C ARG B 282 12.28 2.20 20.84
N ASN B 283 12.05 1.06 21.48
CA ASN B 283 12.25 -0.24 20.83
C ASN B 283 10.93 -0.74 20.26
N MET B 284 10.04 0.18 19.91
CA MET B 284 8.71 -0.16 19.44
C MET B 284 8.61 -0.17 17.91
N TYR B 285 8.27 -1.33 17.36
CA TYR B 285 8.02 -1.46 15.94
C TYR B 285 6.61 -1.99 15.71
N SER B 286 5.97 -1.52 14.64
CA SER B 286 4.64 -2.01 14.28
C SER B 286 4.57 -2.35 12.80
N PHE B 287 3.78 -3.36 12.47
CA PHE B 287 3.58 -3.79 11.10
C PHE B 287 3.00 -2.66 10.25
N PHE B 288 3.52 -2.52 9.02
CA PHE B 288 3.06 -1.48 8.11
C PHE B 288 2.58 -2.04 6.77
N ALA B 289 3.32 -3.01 6.23
CA ALA B 289 2.99 -3.58 4.92
C ALA B 289 3.76 -4.86 4.65
N PHE B 290 3.43 -5.50 3.53
CA PHE B 290 4.21 -6.62 3.05
C PHE B 290 4.98 -6.19 1.82
N MET B 291 6.23 -6.61 1.73
CA MET B 291 7.04 -6.32 0.57
C MET B 291 6.64 -7.30 -0.53
N TYR B 292 6.41 -6.82 -1.75
CA TYR B 292 6.12 -7.73 -2.85
C TYR B 292 7.41 -8.26 -3.48
N VAL B 293 7.57 -9.57 -3.44
CA VAL B 293 8.76 -10.22 -3.99
C VAL B 293 8.33 -11.33 -4.95
N ASP B 294 8.60 -11.17 -6.24
CA ASP B 294 8.30 -12.25 -7.18
C ASP B 294 9.33 -13.39 -7.12
N GLU B 295 9.17 -14.39 -7.97
CA GLU B 295 10.06 -15.55 -7.94
C GLU B 295 11.51 -15.26 -8.32
N LYS B 296 11.72 -14.34 -9.25
CA LYS B 296 13.07 -13.96 -9.66
C LYS B 296 13.80 -13.21 -8.55
N GLU B 297 13.09 -12.32 -7.88
CA GLU B 297 13.66 -11.54 -6.78
C GLU B 297 14.02 -12.43 -5.61
N TRP B 298 13.20 -13.43 -5.33
CA TRP B 298 13.43 -14.32 -4.21
C TRP B 298 14.71 -15.12 -4.43
N GLU B 299 14.87 -15.65 -5.64
CA GLU B 299 16.08 -16.39 -6.00
C GLU B 299 17.30 -15.47 -5.93
N LYS B 300 17.12 -14.24 -6.38
CA LYS B 300 18.17 -13.23 -6.33
C LYS B 300 18.55 -12.90 -4.89
N LEU B 301 17.56 -12.79 -4.01
CA LEU B 301 17.80 -12.47 -2.61
C LEU B 301 18.53 -13.60 -1.89
N LYS B 302 18.16 -14.84 -2.20
CA LYS B 302 18.81 -16.00 -1.61
C LYS B 302 20.24 -16.12 -2.13
N SER B 303 20.45 -15.67 -3.36
CA SER B 303 21.76 -15.73 -4.01
C SER B 303 22.76 -14.76 -3.38
N PHE B 304 22.28 -13.77 -2.64
CA PHE B 304 23.15 -12.83 -1.95
C PHE B 304 23.90 -13.50 -0.82
N ASN B 305 23.27 -14.53 -0.23
CA ASN B 305 23.84 -15.23 0.93
C ASN B 305 24.17 -14.27 2.07
N VAL B 306 23.20 -13.45 2.45
CA VAL B 306 23.37 -12.53 3.58
C VAL B 306 22.14 -12.64 4.47
N PRO B 307 22.26 -12.19 5.73
CA PRO B 307 21.05 -12.15 6.56
C PRO B 307 20.00 -11.26 5.91
N LEU B 308 18.75 -11.72 5.88
CA LEU B 308 17.67 -10.95 5.28
C LEU B 308 16.78 -10.35 6.35
N SER B 309 16.51 -11.14 7.38
CA SER B 309 15.59 -10.74 8.44
C SER B 309 16.25 -9.81 9.45
N GLU B 310 15.42 -9.07 10.17
CA GLU B 310 15.85 -8.20 11.26
C GLU B 310 16.84 -7.12 10.84
N ARG B 311 16.68 -6.61 9.62
CA ARG B 311 17.52 -5.49 9.20
C ARG B 311 16.80 -4.42 8.37
N ILE B 312 17.45 -3.27 8.27
CA ILE B 312 16.86 -2.10 7.62
C ILE B 312 16.98 -2.18 6.09
N VAL B 313 15.85 -2.04 5.41
CA VAL B 313 15.82 -2.06 3.96
C VAL B 313 15.18 -0.79 3.42
N GLU B 314 15.67 -0.34 2.27
CA GLU B 314 15.07 0.79 1.57
C GLU B 314 14.13 0.25 0.50
N CYS B 315 12.87 0.68 0.54
CA CYS B 315 11.88 0.21 -0.42
C CYS B 315 11.27 1.34 -1.24
N TYR B 316 10.72 0.99 -2.39
CA TYR B 316 9.99 1.95 -3.23
C TYR B 316 8.66 1.37 -3.68
N LEU B 317 7.73 2.24 -4.06
CA LEU B 317 6.43 1.81 -4.57
C LEU B 317 6.48 1.64 -6.09
N ASP B 318 5.97 0.51 -6.58
CA ASP B 318 5.93 0.25 -8.01
C ASP B 318 4.65 0.79 -8.67
N ASP B 319 4.41 0.35 -9.91
CA ASP B 319 3.26 0.79 -10.69
C ASP B 319 1.92 0.35 -10.08
N GLU B 320 1.95 -0.74 -9.32
CA GLU B 320 0.76 -1.28 -8.69
C GLU B 320 0.70 -0.92 -7.21
N ASN B 321 1.47 0.09 -6.83
CA ASN B 321 1.58 0.53 -5.44
C ASN B 321 1.95 -0.59 -4.46
N ARG B 322 2.85 -1.46 -4.89
CA ARG B 322 3.41 -2.49 -4.02
C ARG B 322 4.82 -2.08 -3.60
N TRP B 323 5.18 -2.38 -2.36
CA TRP B 323 6.52 -2.06 -1.88
C TRP B 323 7.55 -3.04 -2.44
N ARG B 324 8.65 -2.50 -2.95
CA ARG B 324 9.69 -3.30 -3.58
C ARG B 324 11.05 -3.04 -2.95
N PHE B 325 11.84 -4.10 -2.79
CA PHE B 325 13.20 -3.98 -2.27
C PHE B 325 14.07 -3.18 -3.22
N LEU B 326 14.82 -2.22 -2.68
CA LEU B 326 15.79 -1.46 -3.46
C LEU B 326 17.22 -1.79 -3.01
N ARG B 327 17.49 -1.62 -1.71
CA ARG B 327 18.81 -1.86 -1.16
C ARG B 327 18.77 -1.98 0.36
N PHE B 328 19.82 -2.58 0.93
CA PHE B 328 19.94 -2.61 2.39
C PHE B 328 20.50 -1.26 2.86
N ARG B 329 20.17 -0.89 4.09
CA ARG B 329 20.74 0.30 4.69
C ARG B 329 21.52 -0.09 5.96
N ASP B 330 22.83 -0.23 5.82
CA ASP B 330 23.68 -0.62 6.94
C ASP B 330 24.08 0.62 7.75
N ASP B 331 23.80 1.79 7.21
CA ASP B 331 24.16 3.05 7.84
C ASP B 331 23.07 3.56 8.80
N LYS B 332 21.88 2.97 8.70
CA LYS B 332 20.77 3.36 9.56
C LYS B 332 20.64 2.43 10.75
N ARG B 333 20.37 3.00 11.92
CA ARG B 333 20.16 2.21 13.13
C ARG B 333 18.72 1.72 13.19
N ASP B 334 17.79 2.62 12.92
CA ASP B 334 16.37 2.28 12.90
C ASP B 334 15.74 2.57 11.55
N ALA B 335 14.52 2.07 11.37
CA ALA B 335 13.72 2.39 10.18
C ALA B 335 13.28 3.85 10.28
N ASN B 336 12.68 4.36 9.20
CA ASN B 336 12.08 5.68 9.24
C ASN B 336 11.00 5.75 10.33
N HIS B 337 10.92 6.88 11.02
CA HIS B 337 9.86 7.06 12.01
C HIS B 337 8.50 7.11 11.31
N ILE B 338 7.47 6.63 11.98
CA ILE B 338 6.11 6.61 11.43
C ILE B 338 5.70 7.99 10.89
N SER B 339 6.14 9.05 11.56
CA SER B 339 5.88 10.41 11.14
C SER B 339 6.53 10.73 9.80
N THR B 340 7.74 10.21 9.60
CA THR B 340 8.47 10.40 8.34
C THR B 340 7.77 9.65 7.21
N VAL B 341 7.35 8.42 7.50
CA VAL B 341 6.62 7.59 6.56
C VAL B 341 5.39 8.34 6.03
N LYS B 342 4.58 8.83 6.96
CA LYS B 342 3.37 9.58 6.63
C LYS B 342 3.68 10.78 5.73
N SER B 343 4.74 11.51 6.06
CA SER B 343 5.17 12.66 5.27
C SER B 343 5.46 12.27 3.82
N VAL B 344 6.12 11.13 3.63
CA VAL B 344 6.46 10.66 2.30
C VAL B 344 5.24 10.18 1.52
N LEU B 345 4.39 9.40 2.17
CA LEU B 345 3.16 8.92 1.55
C LEU B 345 2.22 10.08 1.25
N GLN B 346 2.24 11.11 2.08
CA GLN B 346 1.43 12.31 1.85
C GLN B 346 1.89 12.99 0.56
N SER B 347 3.19 13.08 0.37
CA SER B 347 3.76 13.68 -0.83
C SER B 347 3.43 12.87 -2.08
N ILE B 348 3.22 11.57 -1.89
CA ILE B 348 2.85 10.68 -2.99
C ILE B 348 1.37 10.84 -3.35
N GLU B 349 0.52 10.93 -2.33
CA GLU B 349 -0.91 11.12 -2.53
C GLU B 349 -1.24 12.50 -3.07
N ASP B 350 -0.51 13.51 -2.61
CA ASP B 350 -0.70 14.88 -3.09
C ASP B 350 0.06 15.11 -4.39
N GLY B 351 0.93 14.16 -4.73
CA GLY B 351 1.78 14.30 -5.90
C GLY B 351 1.07 14.11 -7.23
N VAL B 352 1.84 14.21 -8.30
CA VAL B 352 1.34 14.00 -9.65
C VAL B 352 2.19 12.94 -10.30
N SER B 353 1.56 11.91 -10.85
CA SER B 353 2.30 10.83 -11.50
C SER B 353 3.03 11.35 -12.74
N LYS B 354 3.98 10.57 -13.24
CA LYS B 354 4.72 10.93 -14.44
C LYS B 354 3.79 11.01 -15.64
N GLU B 355 2.88 10.06 -15.73
CA GLU B 355 1.93 9.98 -16.84
C GLU B 355 0.94 11.14 -16.82
N ASP B 356 0.46 11.49 -15.63
CA ASP B 356 -0.49 12.60 -15.47
C ASP B 356 0.18 13.95 -15.71
N LEU B 357 1.50 13.99 -15.54
CA LEU B 357 2.26 15.21 -15.80
C LEU B 357 2.43 15.39 -17.30
N LEU B 358 2.71 14.30 -17.99
CA LEU B 358 2.89 14.30 -19.43
C LEU B 358 1.62 14.66 -20.20
N LYS B 359 0.47 14.28 -19.65
CA LYS B 359 -0.82 14.56 -20.27
C LYS B 359 -1.11 16.06 -20.29
N GLU B 360 -0.61 16.77 -19.28
CA GLU B 360 -0.86 18.20 -19.14
C GLU B 360 0.14 19.04 -19.94
N MET B 361 1.13 18.38 -20.54
CA MET B 361 2.17 19.07 -21.31
C MET B 361 1.67 19.95 -22.47
N PRO B 362 0.80 19.40 -23.35
CA PRO B 362 0.32 20.25 -24.45
C PRO B 362 -0.48 21.46 -23.97
N ILE B 363 -1.26 21.27 -22.90
CA ILE B 363 -2.04 22.35 -22.31
C ILE B 363 -1.13 23.46 -21.76
N ILE B 364 0.00 23.04 -21.18
CA ILE B 364 1.00 23.97 -20.66
C ILE B 364 1.75 24.64 -21.81
N ARG B 365 1.96 23.87 -22.88
CA ARG B 365 2.59 24.38 -24.08
C ARG B 365 1.79 25.53 -24.70
N GLU B 366 0.53 25.26 -25.03
CA GLU B 366 -0.32 26.25 -25.70
C GLU B 366 -0.58 27.50 -24.85
N ALA B 367 -0.59 27.34 -23.53
CA ALA B 367 -0.77 28.47 -22.64
C ALA B 367 0.46 29.37 -22.65
N TYR B 368 1.64 28.76 -22.79
CA TYR B 368 2.89 29.50 -22.88
C TYR B 368 2.91 30.43 -24.10
N TYR B 369 2.42 29.93 -25.23
CA TYR B 369 2.38 30.72 -26.46
C TYR B 369 1.29 31.78 -26.43
N ASN B 370 0.14 31.44 -25.85
CA ASN B 370 -0.97 32.37 -25.74
C ASN B 370 -0.69 33.52 -24.79
N ARG B 371 0.32 33.37 -23.95
CA ARG B 371 0.75 34.44 -23.05
C ARG B 371 1.75 35.35 -23.75
N LYS B 372 2.12 34.99 -24.97
CA LYS B 372 3.05 35.82 -25.76
C LYS B 372 2.31 36.65 -26.80
N PRO C 6 22.56 40.61 -21.64
CA PRO C 6 22.53 39.19 -22.02
C PRO C 6 21.35 38.44 -21.39
N SER C 7 20.92 37.38 -22.05
CA SER C 7 19.77 36.61 -21.59
C SER C 7 19.85 35.16 -22.05
N TYR C 8 19.54 34.23 -21.16
CA TYR C 8 19.54 32.81 -21.51
C TYR C 8 18.14 32.35 -21.93
N PRO C 10 16.50 28.71 -23.75
CA PRO C 10 16.61 27.38 -24.36
C PRO C 10 15.79 27.26 -25.65
N THR C 11 15.86 26.10 -26.29
CA THR C 11 15.08 25.84 -27.49
C THR C 11 13.82 25.06 -27.16
N PRO D 6 -25.45 -44.34 1.53
CA PRO D 6 -25.72 -43.25 0.60
C PRO D 6 -24.49 -42.39 0.30
N SER D 7 -24.51 -41.70 -0.83
CA SER D 7 -23.40 -40.87 -1.26
C SER D 7 -23.89 -39.68 -2.08
N TYR D 8 -23.29 -38.51 -1.87
CA TYR D 8 -23.65 -37.32 -2.63
C TYR D 8 -22.70 -37.11 -3.81
N PRO D 10 -22.69 -34.68 -7.57
CA PRO D 10 -23.23 -33.78 -8.59
C PRO D 10 -22.51 -33.92 -9.93
N THR D 11 -23.00 -33.23 -10.96
CA THR D 11 -22.40 -33.24 -12.30
C THR D 11 -23.10 -32.25 -13.24
#